data_1O7L
#
_entry.id   1O7L
#
_cell.length_a   78.831
_cell.length_b   78.831
_cell.length_c   195.099
_cell.angle_alpha   90.00
_cell.angle_beta   90.00
_cell.angle_gamma   90.00
#
_symmetry.space_group_name_H-M   'P 43'
#
loop_
_entity.id
_entity.type
_entity.pdbx_description
1 polymer 'TRANSCRIPTIONAL REGULATOR MODE'
2 non-polymer 'MOLYBDATE ION'
3 non-polymer 'CHLORIDE ION'
4 non-polymer 'CALCIUM ION'
5 water water
#
_entity_poly.entity_id   1
_entity_poly.type   'polypeptide(L)'
_entity_poly.pdbx_seq_one_letter_code
;MQAEILLTLKLQQKLFADPRRISLLKHIALSGSISQGAKDAGISYKSAWDAINEMNQLSEHILVERATGGKGGGGAVLTR
YGQRLIQLYDLLAQIQQKAFDVLSDDDALPLNSLLAAISRFSLQTSARNQWFGTITARDHDDVQQHVDVLLADGKTRLKV
AITAQSGARLGLDEGKEVLILLKAPWVGITQDEAVAQNADNQLPGIISHIERGAEQCEVLMALPDGQTLCATVPVNEATS
LQQGQNVTAYFNADSVIIATLC
;
_entity_poly.pdbx_strand_id   A,B,C,D
#
# COMPACT_ATOMS: atom_id res chain seq x y z
N MET A 1 -32.48 -12.80 -23.77
CA MET A 1 -33.76 -12.36 -23.18
C MET A 1 -33.73 -12.63 -21.67
N GLN A 2 -34.32 -13.75 -21.28
CA GLN A 2 -34.37 -14.19 -19.89
C GLN A 2 -34.26 -15.70 -20.03
N ALA A 3 -33.06 -16.15 -20.41
CA ALA A 3 -32.82 -17.57 -20.67
C ALA A 3 -31.86 -18.38 -19.79
N GLU A 4 -32.19 -19.65 -19.65
CA GLU A 4 -31.39 -20.60 -18.89
C GLU A 4 -30.76 -21.51 -19.94
N ILE A 5 -29.63 -22.10 -19.61
CA ILE A 5 -29.00 -23.01 -20.54
C ILE A 5 -28.83 -24.36 -19.86
N LEU A 6 -29.71 -25.29 -20.21
CA LEU A 6 -29.60 -26.62 -19.64
C LEU A 6 -28.53 -27.31 -20.46
N LEU A 7 -27.69 -28.10 -19.81
CA LEU A 7 -26.62 -28.75 -20.52
C LEU A 7 -26.75 -30.27 -20.60
N THR A 8 -26.88 -30.78 -21.82
CA THR A 8 -26.99 -32.21 -22.04
C THR A 8 -25.60 -32.70 -22.43
N LEU A 9 -25.07 -33.63 -21.65
CA LEU A 9 -23.74 -34.17 -21.91
C LEU A 9 -23.84 -35.65 -22.24
N LYS A 10 -23.30 -36.06 -23.38
CA LYS A 10 -23.35 -37.47 -23.76
C LYS A 10 -22.02 -37.98 -24.29
N LEU A 11 -21.74 -39.26 -23.99
CA LEU A 11 -20.50 -39.90 -24.41
C LEU A 11 -20.81 -41.26 -25.03
N GLN A 12 -20.02 -41.68 -26.01
CA GLN A 12 -20.23 -42.95 -26.68
C GLN A 12 -21.62 -42.96 -27.29
N GLN A 13 -22.05 -41.80 -27.75
CA GLN A 13 -23.36 -41.61 -28.38
C GLN A 13 -24.50 -41.99 -27.44
N LYS A 14 -24.31 -41.76 -26.15
CA LYS A 14 -25.33 -42.08 -25.16
C LYS A 14 -25.36 -41.05 -24.03
N LEU A 15 -26.55 -40.82 -23.49
CA LEU A 15 -26.73 -39.86 -22.40
C LEU A 15 -25.85 -40.20 -21.20
N PHE A 16 -24.76 -39.46 -21.05
CA PHE A 16 -23.85 -39.67 -19.93
C PHE A 16 -24.25 -38.77 -18.77
N ALA A 17 -24.21 -37.46 -19.01
CA ALA A 17 -24.56 -36.48 -18.00
C ALA A 17 -25.82 -35.73 -18.40
N ASP A 18 -26.65 -35.42 -17.40
CA ASP A 18 -27.90 -34.71 -17.61
C ASP A 18 -28.22 -33.99 -16.30
N PRO A 19 -28.78 -32.77 -16.38
CA PRO A 19 -29.14 -31.99 -15.19
C PRO A 19 -29.81 -32.82 -14.10
N ARG A 20 -30.49 -33.87 -14.53
CA ARG A 20 -31.20 -34.77 -13.63
C ARG A 20 -30.27 -35.78 -12.98
N ARG A 21 -29.29 -36.27 -13.75
CA ARG A 21 -28.32 -37.22 -13.22
C ARG A 21 -27.43 -36.49 -12.23
N ILE A 22 -27.27 -35.19 -12.45
CA ILE A 22 -26.45 -34.37 -11.58
C ILE A 22 -27.19 -34.16 -10.26
N SER A 23 -28.45 -33.76 -10.34
CA SER A 23 -29.26 -33.55 -9.15
C SER A 23 -29.35 -34.90 -8.44
N LEU A 24 -29.15 -35.96 -9.20
CA LEU A 24 -29.18 -37.30 -8.63
C LEU A 24 -27.92 -37.48 -7.81
N LEU A 25 -26.78 -37.14 -8.41
CA LEU A 25 -25.49 -37.26 -7.74
C LEU A 25 -25.30 -36.25 -6.61
N LYS A 26 -25.86 -35.06 -6.79
CA LYS A 26 -25.73 -34.03 -5.76
C LYS A 26 -26.57 -34.36 -4.54
N HIS A 27 -27.73 -34.97 -4.75
CA HIS A 27 -28.61 -35.34 -3.65
C HIS A 27 -28.15 -36.64 -3.01
N ILE A 28 -27.30 -37.39 -3.70
CA ILE A 28 -26.75 -38.63 -3.17
C ILE A 28 -25.67 -38.18 -2.20
N ALA A 29 -25.14 -36.99 -2.45
CA ALA A 29 -24.11 -36.41 -1.60
C ALA A 29 -24.78 -35.72 -0.42
N LEU A 30 -26.03 -35.30 -0.61
CA LEU A 30 -26.78 -34.63 0.43
C LEU A 30 -27.54 -35.62 1.33
N SER A 31 -28.16 -36.61 0.71
CA SER A 31 -28.92 -37.61 1.46
C SER A 31 -28.04 -38.80 1.87
N GLY A 32 -27.01 -39.07 1.08
CA GLY A 32 -26.10 -40.16 1.39
C GLY A 32 -26.47 -41.52 0.85
N SER A 33 -27.69 -41.68 0.37
CA SER A 33 -28.13 -42.96 -0.18
C SER A 33 -28.79 -42.78 -1.53
N ILE A 34 -28.74 -43.83 -2.35
CA ILE A 34 -29.35 -43.80 -3.67
C ILE A 34 -30.85 -43.71 -3.47
N SER A 35 -31.33 -44.46 -2.47
CA SER A 35 -32.75 -44.50 -2.12
C SER A 35 -33.42 -43.14 -2.13
N GLN A 36 -33.12 -42.37 -1.09
CA GLN A 36 -33.66 -41.03 -0.96
C GLN A 36 -33.07 -40.19 -2.09
N GLY A 37 -31.77 -40.37 -2.29
CA GLY A 37 -31.08 -39.64 -3.34
C GLY A 37 -31.88 -39.64 -4.63
N ALA A 38 -32.76 -40.62 -4.78
CA ALA A 38 -33.57 -40.69 -5.98
C ALA A 38 -34.84 -39.85 -5.91
N LYS A 39 -35.66 -40.05 -4.88
CA LYS A 39 -36.91 -39.29 -4.75
C LYS A 39 -36.66 -37.78 -4.61
N ASP A 40 -35.67 -37.43 -3.83
CA ASP A 40 -35.32 -36.03 -3.60
C ASP A 40 -34.98 -35.32 -4.91
N ALA A 41 -34.98 -36.11 -5.99
CA ALA A 41 -34.69 -35.60 -7.34
C ALA A 41 -35.88 -35.85 -8.28
N GLY A 42 -35.99 -37.06 -8.83
CA GLY A 42 -37.08 -37.36 -9.74
C GLY A 42 -37.49 -38.80 -10.00
N ILE A 43 -38.14 -39.41 -9.01
CA ILE A 43 -38.68 -40.77 -9.04
C ILE A 43 -37.76 -41.94 -9.44
N SER A 44 -38.42 -43.05 -9.73
CA SER A 44 -37.81 -44.30 -10.13
C SER A 44 -36.63 -44.77 -9.31
N TYR A 45 -36.59 -44.49 -8.00
CA TYR A 45 -35.48 -45.06 -7.21
C TYR A 45 -34.92 -46.28 -7.95
N LYS A 46 -35.84 -46.93 -8.66
CA LYS A 46 -35.55 -48.18 -9.34
C LYS A 46 -35.09 -48.03 -10.76
N SER A 47 -34.66 -46.83 -11.09
CA SER A 47 -34.08 -46.55 -12.38
C SER A 47 -32.71 -45.89 -12.20
N ALA A 48 -32.69 -44.85 -11.38
CA ALA A 48 -31.47 -44.09 -11.09
C ALA A 48 -30.27 -44.99 -11.10
N TRP A 49 -30.42 -46.17 -10.51
CA TRP A 49 -29.36 -47.15 -10.41
C TRP A 49 -28.72 -47.59 -11.73
N ASP A 50 -29.51 -48.12 -12.65
CA ASP A 50 -28.90 -48.54 -13.91
C ASP A 50 -28.36 -47.31 -14.60
N ALA A 51 -28.83 -46.14 -14.19
CA ALA A 51 -28.40 -44.87 -14.74
C ALA A 51 -27.10 -44.40 -14.10
N ILE A 52 -26.82 -44.89 -12.89
CA ILE A 52 -25.59 -44.51 -12.21
C ILE A 52 -24.44 -45.43 -12.63
N ASN A 53 -24.77 -46.69 -12.89
CA ASN A 53 -23.76 -47.66 -13.32
C ASN A 53 -23.65 -47.66 -14.84
N GLU A 54 -24.53 -46.90 -15.48
CA GLU A 54 -24.51 -46.78 -16.93
C GLU A 54 -23.47 -45.69 -17.17
N MET A 55 -23.36 -44.80 -16.20
CA MET A 55 -22.39 -43.73 -16.26
C MET A 55 -21.09 -44.35 -15.78
N ASN A 56 -21.22 -45.36 -14.91
CA ASN A 56 -20.05 -46.07 -14.42
C ASN A 56 -19.66 -46.97 -15.59
N GLN A 57 -20.60 -47.08 -16.52
CA GLN A 57 -20.43 -47.89 -17.72
C GLN A 57 -19.74 -47.04 -18.78
N LEU A 58 -20.14 -45.77 -18.86
CA LEU A 58 -19.61 -44.84 -19.84
C LEU A 58 -18.25 -44.22 -19.50
N SER A 59 -17.83 -44.30 -18.24
CA SER A 59 -16.54 -43.73 -17.85
C SER A 59 -15.51 -44.78 -17.45
N GLU A 60 -15.94 -46.04 -17.37
CA GLU A 60 -15.08 -47.15 -17.00
C GLU A 60 -14.70 -47.08 -15.52
N HIS A 61 -15.09 -46.00 -14.87
CA HIS A 61 -14.83 -45.84 -13.44
C HIS A 61 -16.09 -46.31 -12.75
N ILE A 62 -16.39 -45.67 -11.62
CA ILE A 62 -17.57 -45.97 -10.83
C ILE A 62 -17.93 -44.66 -10.14
N LEU A 63 -18.50 -43.74 -10.91
CA LEU A 63 -18.89 -42.42 -10.42
C LEU A 63 -19.36 -42.46 -8.98
N VAL A 64 -20.35 -43.31 -8.73
CA VAL A 64 -20.92 -43.45 -7.39
C VAL A 64 -20.73 -44.88 -6.89
N GLU A 65 -20.48 -45.00 -5.59
CA GLU A 65 -20.27 -46.31 -4.96
C GLU A 65 -21.44 -46.70 -4.05
N ARG A 66 -21.17 -47.64 -3.15
CA ARG A 66 -22.16 -48.12 -2.19
C ARG A 66 -21.49 -48.83 -1.03
N GLY A 74 -23.51 -49.42 3.65
CA GLY A 74 -24.90 -49.11 3.87
C GLY A 74 -25.55 -48.39 2.70
N GLY A 75 -25.13 -47.15 2.46
CA GLY A 75 -25.68 -46.38 1.35
C GLY A 75 -24.68 -46.18 0.24
N ALA A 76 -24.92 -45.18 -0.61
CA ALA A 76 -24.03 -44.89 -1.73
C ALA A 76 -23.30 -43.57 -1.57
N VAL A 77 -21.97 -43.63 -1.62
CA VAL A 77 -21.12 -42.46 -1.48
C VAL A 77 -20.41 -42.14 -2.80
N LEU A 78 -20.44 -40.88 -3.22
CA LEU A 78 -19.79 -40.48 -4.46
C LEU A 78 -18.29 -40.79 -4.44
N THR A 79 -17.66 -40.71 -5.60
CA THR A 79 -16.23 -40.98 -5.72
C THR A 79 -15.49 -39.67 -5.95
N ARG A 80 -14.16 -39.75 -6.05
CA ARG A 80 -13.35 -38.57 -6.29
C ARG A 80 -13.68 -38.13 -7.71
N TYR A 81 -14.00 -39.11 -8.54
CA TYR A 81 -14.36 -38.88 -9.93
C TYR A 81 -15.82 -38.48 -10.04
N GLY A 82 -16.58 -38.75 -8.97
CA GLY A 82 -17.99 -38.41 -8.96
C GLY A 82 -18.19 -36.94 -8.62
N GLN A 83 -17.49 -36.49 -7.58
CA GLN A 83 -17.58 -35.11 -7.15
C GLN A 83 -16.92 -34.22 -8.20
N ARG A 84 -15.87 -34.73 -8.83
CA ARG A 84 -15.16 -33.98 -9.85
C ARG A 84 -16.13 -33.76 -11.01
N LEU A 85 -16.60 -34.86 -11.61
CA LEU A 85 -17.55 -34.82 -12.71
C LEU A 85 -18.72 -33.90 -12.38
N ILE A 86 -19.01 -33.75 -11.10
CA ILE A 86 -20.09 -32.91 -10.63
C ILE A 86 -19.64 -31.45 -10.68
N GLN A 87 -18.38 -31.23 -10.33
CA GLN A 87 -17.78 -29.89 -10.31
C GLN A 87 -17.48 -29.38 -11.71
N LEU A 88 -17.17 -30.31 -12.61
CA LEU A 88 -16.86 -29.96 -14.00
C LEU A 88 -18.14 -29.58 -14.74
N TYR A 89 -19.22 -30.28 -14.43
CA TYR A 89 -20.49 -30.00 -15.07
C TYR A 89 -20.99 -28.63 -14.62
N ASP A 90 -21.07 -28.44 -13.30
CA ASP A 90 -21.52 -27.18 -12.74
C ASP A 90 -20.62 -26.05 -13.22
N LEU A 91 -19.32 -26.31 -13.24
CA LEU A 91 -18.35 -25.31 -13.69
C LEU A 91 -18.72 -24.94 -15.12
N LEU A 92 -18.74 -25.94 -15.99
CA LEU A 92 -19.08 -25.72 -17.38
C LEU A 92 -20.47 -25.10 -17.47
N ALA A 93 -21.30 -25.36 -16.47
CA ALA A 93 -22.65 -24.80 -16.49
C ALA A 93 -22.60 -23.29 -16.30
N GLN A 94 -21.62 -22.80 -15.56
CA GLN A 94 -21.50 -21.36 -15.35
C GLN A 94 -20.91 -20.74 -16.60
N ILE A 95 -19.72 -21.24 -16.96
CA ILE A 95 -18.98 -20.76 -18.11
C ILE A 95 -19.93 -20.50 -19.28
N GLN A 96 -20.73 -21.51 -19.62
CA GLN A 96 -21.66 -21.39 -20.73
C GLN A 96 -22.77 -20.38 -20.43
N GLN A 97 -23.17 -20.27 -19.16
CA GLN A 97 -24.21 -19.32 -18.80
C GLN A 97 -23.64 -17.94 -19.07
N LYS A 98 -22.48 -17.65 -18.49
CA LYS A 98 -21.82 -16.37 -18.69
C LYS A 98 -21.66 -16.11 -20.18
N ALA A 99 -20.92 -16.99 -20.85
CA ALA A 99 -20.68 -16.87 -22.28
C ALA A 99 -21.96 -16.38 -22.97
N PHE A 100 -23.09 -16.96 -22.62
CA PHE A 100 -24.35 -16.55 -23.23
C PHE A 100 -24.68 -15.10 -22.87
N ASP A 101 -24.84 -14.84 -21.58
CA ASP A 101 -25.17 -13.51 -21.08
C ASP A 101 -24.27 -12.36 -21.54
N VAL A 102 -22.95 -12.58 -21.55
CA VAL A 102 -22.02 -11.54 -21.98
C VAL A 102 -22.20 -11.28 -23.47
N LEU A 103 -22.34 -12.36 -24.22
CA LEU A 103 -22.51 -12.27 -25.67
C LEU A 103 -23.95 -11.92 -26.07
N SER A 104 -24.90 -12.27 -25.21
CA SER A 104 -26.33 -11.99 -25.46
C SER A 104 -26.58 -10.50 -25.70
N ASP A 105 -26.31 -10.11 -26.93
CA ASP A 105 -26.50 -8.79 -27.50
C ASP A 105 -27.39 -8.69 -28.72
N ASP A 106 -27.66 -7.46 -29.13
CA ASP A 106 -28.26 -7.27 -30.43
C ASP A 106 -27.21 -6.35 -31.06
N ASP A 107 -26.42 -6.91 -31.98
CA ASP A 107 -25.32 -6.23 -32.68
C ASP A 107 -24.01 -5.76 -32.00
N ALA A 108 -23.31 -6.67 -31.33
CA ALA A 108 -22.02 -6.37 -30.70
C ALA A 108 -21.08 -7.58 -30.87
N LEU A 109 -20.70 -7.87 -32.12
CA LEU A 109 -19.86 -9.01 -32.48
C LEU A 109 -18.36 -9.01 -32.18
N PRO A 110 -17.82 -10.15 -31.72
CA PRO A 110 -16.40 -10.35 -31.38
C PRO A 110 -15.66 -10.88 -32.63
N LEU A 111 -16.02 -10.32 -33.79
CA LEU A 111 -15.48 -10.67 -35.10
C LEU A 111 -15.52 -12.18 -35.30
N ASN A 112 -16.56 -12.81 -34.78
CA ASN A 112 -16.78 -14.25 -34.91
C ASN A 112 -15.46 -15.00 -34.73
N SER A 113 -14.63 -14.52 -33.83
CA SER A 113 -13.34 -15.15 -33.58
C SER A 113 -13.46 -15.75 -32.20
N LEU A 114 -13.09 -17.02 -32.05
CA LEU A 114 -13.19 -17.63 -30.75
C LEU A 114 -12.45 -16.74 -29.77
N LEU A 115 -11.30 -16.24 -30.20
CA LEU A 115 -10.48 -15.36 -29.37
C LEU A 115 -11.32 -14.16 -28.94
N ALA A 116 -11.61 -13.28 -29.91
CA ALA A 116 -12.39 -12.09 -29.65
C ALA A 116 -13.63 -12.38 -28.81
N ALA A 117 -14.22 -13.55 -29.00
CA ALA A 117 -15.40 -13.94 -28.25
C ALA A 117 -15.05 -14.34 -26.82
N ILE A 118 -14.10 -15.27 -26.69
CA ILE A 118 -13.67 -15.75 -25.38
C ILE A 118 -13.19 -14.63 -24.47
N SER A 119 -12.42 -13.70 -25.04
CA SER A 119 -11.87 -12.58 -24.28
C SER A 119 -12.93 -11.76 -23.56
N ARG A 120 -14.13 -11.71 -24.14
CA ARG A 120 -15.23 -10.93 -23.58
C ARG A 120 -15.87 -11.45 -22.30
N PHE A 121 -15.90 -12.77 -22.10
CA PHE A 121 -16.52 -13.32 -20.90
C PHE A 121 -15.51 -13.99 -19.97
N SER A 122 -14.36 -14.39 -20.50
CA SER A 122 -13.34 -15.02 -19.67
C SER A 122 -12.55 -13.94 -18.95
N LEU A 123 -11.42 -14.30 -18.36
CA LEU A 123 -10.59 -13.35 -17.64
C LEU A 123 -10.49 -11.97 -18.28
N GLN A 124 -10.64 -10.94 -17.46
CA GLN A 124 -10.57 -9.55 -17.90
C GLN A 124 -9.33 -8.88 -17.32
N THR A 125 -8.56 -8.20 -18.18
CA THR A 125 -7.33 -7.53 -17.75
C THR A 125 -7.44 -6.03 -17.55
N SER A 126 -6.48 -5.49 -16.78
CA SER A 126 -6.42 -4.07 -16.46
C SER A 126 -5.74 -3.22 -17.53
N ALA A 127 -5.15 -3.87 -18.53
CA ALA A 127 -4.49 -3.12 -19.60
C ALA A 127 -5.53 -2.23 -20.28
N ARG A 128 -5.28 -0.92 -20.29
CA ARG A 128 -6.21 0.03 -20.90
C ARG A 128 -6.13 -0.01 -22.42
N ASN A 129 -5.08 -0.64 -22.93
CA ASN A 129 -4.89 -0.74 -24.36
C ASN A 129 -4.81 -2.20 -24.78
N GLN A 130 -5.85 -2.65 -25.47
CA GLN A 130 -5.92 -4.02 -25.92
C GLN A 130 -6.47 -4.04 -27.34
N TRP A 131 -5.59 -4.39 -28.28
CA TRP A 131 -5.97 -4.44 -29.69
C TRP A 131 -5.72 -5.83 -30.26
N PHE A 132 -6.66 -6.30 -31.06
CA PHE A 132 -6.54 -7.61 -31.68
C PHE A 132 -5.65 -7.49 -32.92
N GLY A 133 -4.76 -8.45 -33.09
CA GLY A 133 -3.87 -8.43 -34.23
C GLY A 133 -3.55 -9.82 -34.71
N THR A 134 -2.66 -9.92 -35.71
CA THR A 134 -2.27 -11.20 -36.25
C THR A 134 -0.75 -11.21 -36.47
N ILE A 135 -0.10 -12.26 -35.97
CA ILE A 135 1.35 -12.39 -36.08
C ILE A 135 1.78 -12.59 -37.52
N THR A 136 2.68 -11.73 -37.99
CA THR A 136 3.17 -11.80 -39.37
C THR A 136 4.58 -12.38 -39.43
N ALA A 137 5.30 -12.34 -38.31
CA ALA A 137 6.67 -12.85 -38.27
C ALA A 137 7.10 -13.25 -36.87
N ARG A 138 8.33 -13.75 -36.76
CA ARG A 138 8.90 -14.19 -35.48
C ARG A 138 10.30 -14.78 -35.70
N ASP A 139 11.27 -14.39 -34.87
CA ASP A 139 12.63 -14.90 -35.01
C ASP A 139 12.89 -16.16 -34.17
N HIS A 140 14.09 -16.70 -34.29
CA HIS A 140 14.46 -17.92 -33.56
C HIS A 140 15.46 -17.68 -32.45
N ASP A 141 15.73 -16.41 -32.15
CA ASP A 141 16.67 -16.08 -31.09
C ASP A 141 16.36 -16.92 -29.87
N ASP A 142 17.41 -17.51 -29.32
CA ASP A 142 17.33 -18.41 -28.18
C ASP A 142 16.74 -17.87 -26.88
N VAL A 143 17.16 -16.67 -26.48
CA VAL A 143 16.65 -16.08 -25.24
C VAL A 143 15.35 -15.32 -25.40
N GLN A 144 15.42 -14.14 -26.01
CA GLN A 144 14.24 -13.30 -26.22
C GLN A 144 13.97 -13.07 -27.70
N GLN A 145 12.81 -13.53 -28.15
CA GLN A 145 12.43 -13.39 -29.56
C GLN A 145 11.58 -12.14 -29.79
N HIS A 146 11.33 -11.85 -31.06
CA HIS A 146 10.53 -10.70 -31.46
C HIS A 146 9.49 -11.10 -32.48
N VAL A 147 8.24 -10.72 -32.22
CA VAL A 147 7.15 -11.02 -33.13
C VAL A 147 6.62 -9.71 -33.70
N ASP A 148 6.20 -9.74 -34.95
CA ASP A 148 5.64 -8.55 -35.55
C ASP A 148 4.15 -8.78 -35.72
N VAL A 149 3.37 -7.78 -35.34
CA VAL A 149 1.93 -7.89 -35.41
C VAL A 149 1.31 -6.88 -36.35
N LEU A 150 0.22 -7.31 -36.99
CA LEU A 150 -0.55 -6.48 -37.91
C LEU A 150 -1.95 -6.47 -37.33
N LEU A 151 -2.34 -5.34 -36.74
CA LEU A 151 -3.65 -5.23 -36.11
C LEU A 151 -4.81 -5.50 -37.06
N ALA A 152 -6.00 -5.62 -36.48
CA ALA A 152 -7.22 -5.89 -37.24
C ALA A 152 -7.63 -4.72 -38.14
N ASP A 153 -6.64 -3.93 -38.55
CA ASP A 153 -6.88 -2.81 -39.44
C ASP A 153 -5.94 -2.94 -40.63
N GLY A 154 -5.22 -4.06 -40.66
CA GLY A 154 -4.29 -4.35 -41.73
C GLY A 154 -3.34 -3.24 -42.14
N LYS A 155 -3.08 -2.30 -41.24
CA LYS A 155 -2.18 -1.20 -41.54
C LYS A 155 -1.03 -1.09 -40.56
N THR A 156 -1.36 -0.80 -39.31
CA THR A 156 -0.35 -0.63 -38.27
C THR A 156 0.28 -1.94 -37.77
N ARG A 157 1.61 -1.99 -37.88
CA ARG A 157 2.39 -3.15 -37.47
C ARG A 157 3.07 -2.85 -36.14
N LEU A 158 2.91 -3.76 -35.17
CA LEU A 158 3.54 -3.61 -33.87
C LEU A 158 4.63 -4.65 -33.75
N LYS A 159 5.60 -4.38 -32.88
CA LYS A 159 6.71 -5.28 -32.66
C LYS A 159 6.73 -5.62 -31.18
N VAL A 160 6.73 -6.91 -30.86
CA VAL A 160 6.75 -7.33 -29.47
C VAL A 160 7.92 -8.25 -29.16
N ALA A 161 8.34 -8.27 -27.91
CA ALA A 161 9.44 -9.11 -27.47
C ALA A 161 8.92 -10.07 -26.40
N ILE A 162 9.19 -11.36 -26.58
CA ILE A 162 8.75 -12.38 -25.64
C ILE A 162 9.86 -13.40 -25.43
N THR A 163 9.82 -14.11 -24.31
CA THR A 163 10.82 -15.13 -24.03
C THR A 163 10.57 -16.27 -25.01
N ALA A 164 11.63 -16.96 -25.38
CA ALA A 164 11.54 -18.07 -26.34
C ALA A 164 10.52 -19.12 -25.92
N GLN A 165 10.41 -19.38 -24.63
CA GLN A 165 9.47 -20.38 -24.17
C GLN A 165 8.05 -19.91 -24.45
N SER A 166 7.81 -18.62 -24.26
CA SER A 166 6.49 -18.05 -24.51
C SER A 166 6.17 -18.03 -26.00
N GLY A 167 7.21 -17.88 -26.83
CA GLY A 167 7.00 -17.85 -28.25
C GLY A 167 6.52 -19.19 -28.76
N ALA A 168 7.10 -20.27 -28.24
CA ALA A 168 6.74 -21.62 -28.64
C ALA A 168 5.50 -22.14 -27.91
N ARG A 169 5.45 -21.92 -26.61
CA ARG A 169 4.34 -22.38 -25.78
C ARG A 169 2.98 -21.89 -26.27
N LEU A 170 2.97 -20.79 -27.01
CA LEU A 170 1.73 -20.21 -27.52
C LEU A 170 1.52 -20.42 -29.01
N GLY A 171 2.56 -20.84 -29.72
CA GLY A 171 2.45 -21.05 -31.15
C GLY A 171 2.27 -19.72 -31.86
N LEU A 172 3.18 -18.79 -31.60
CA LEU A 172 3.12 -17.46 -32.19
C LEU A 172 3.84 -17.40 -33.54
N ASP A 173 3.20 -17.94 -34.57
CA ASP A 173 3.77 -17.94 -35.91
C ASP A 173 2.83 -17.20 -36.85
N GLU A 174 3.30 -16.91 -38.07
CA GLU A 174 2.50 -16.20 -39.05
C GLU A 174 1.04 -16.65 -39.05
N GLY A 175 0.13 -15.69 -39.15
CA GLY A 175 -1.28 -16.00 -39.17
C GLY A 175 -1.96 -16.21 -37.83
N LYS A 176 -1.19 -16.53 -36.80
CA LYS A 176 -1.74 -16.75 -35.46
C LYS A 176 -2.48 -15.49 -35.00
N GLU A 177 -3.67 -15.65 -34.42
CA GLU A 177 -4.46 -14.51 -33.96
C GLU A 177 -4.15 -14.17 -32.50
N VAL A 178 -3.77 -12.92 -32.24
CA VAL A 178 -3.45 -12.51 -30.88
C VAL A 178 -4.16 -11.25 -30.42
N LEU A 179 -4.12 -11.02 -29.10
CA LEU A 179 -4.71 -9.83 -28.50
C LEU A 179 -3.54 -9.12 -27.86
N ILE A 180 -3.35 -7.85 -28.19
CA ILE A 180 -2.26 -7.07 -27.65
C ILE A 180 -2.63 -6.36 -26.35
N LEU A 181 -1.89 -6.65 -25.29
CA LEU A 181 -2.13 -6.03 -23.99
C LEU A 181 -1.05 -5.01 -23.70
N LEU A 182 -1.45 -3.74 -23.59
CA LEU A 182 -0.51 -2.66 -23.32
C LEU A 182 -1.02 -1.76 -22.21
N LYS A 183 -0.43 -1.89 -21.01
CA LYS A 183 -0.83 -1.10 -19.86
C LYS A 183 -0.48 0.36 -20.11
N ALA A 184 -1.28 1.25 -19.53
CA ALA A 184 -1.11 2.69 -19.68
C ALA A 184 0.26 3.30 -19.34
N PRO A 185 0.83 2.95 -18.18
CA PRO A 185 2.14 3.48 -17.75
C PRO A 185 3.33 3.22 -18.66
N TRP A 186 3.20 2.27 -19.59
CA TRP A 186 4.31 1.93 -20.48
C TRP A 186 4.25 2.65 -21.81
N VAL A 187 3.28 3.54 -21.93
CA VAL A 187 3.09 4.32 -23.14
C VAL A 187 3.39 5.78 -22.82
N GLY A 188 4.27 6.37 -23.63
CA GLY A 188 4.61 7.77 -23.44
C GLY A 188 3.97 8.52 -24.59
N ILE A 189 3.92 9.84 -24.54
CA ILE A 189 3.33 10.63 -25.61
C ILE A 189 4.15 11.90 -25.82
N THR A 190 4.82 11.97 -26.97
CA THR A 190 5.71 13.08 -27.29
C THR A 190 5.42 13.77 -28.63
N GLN A 191 6.36 14.66 -28.99
CA GLN A 191 6.31 15.40 -30.23
C GLN A 191 7.72 15.50 -30.78
N ASP A 192 8.70 15.11 -29.97
CA ASP A 192 10.08 15.12 -30.41
C ASP A 192 10.16 13.83 -31.22
N GLU A 193 10.04 13.93 -32.54
CA GLU A 193 10.09 12.76 -33.39
C GLU A 193 11.28 11.87 -33.05
N ALA A 194 12.29 12.47 -32.43
CA ALA A 194 13.48 11.73 -32.03
C ALA A 194 13.13 10.72 -30.94
N VAL A 195 12.19 11.09 -30.08
CA VAL A 195 11.74 10.21 -29.00
C VAL A 195 10.88 9.11 -29.62
N ALA A 196 9.91 9.53 -30.42
CA ALA A 196 9.00 8.61 -31.08
C ALA A 196 9.75 7.59 -31.94
N GLN A 197 10.50 8.10 -32.92
CA GLN A 197 11.27 7.26 -33.83
C GLN A 197 12.25 6.34 -33.11
N ASN A 198 12.60 6.70 -31.87
CA ASN A 198 13.54 5.91 -31.07
C ASN A 198 12.93 4.70 -30.41
N ALA A 199 11.62 4.73 -30.19
CA ALA A 199 10.93 3.61 -29.55
C ALA A 199 10.56 2.57 -30.59
N ASP A 200 10.71 1.30 -30.24
CA ASP A 200 10.39 0.20 -31.15
C ASP A 200 9.00 0.47 -31.71
N ASN A 201 8.17 1.13 -30.90
CA ASN A 201 6.81 1.42 -31.31
C ASN A 201 6.41 2.88 -31.23
N GLN A 202 5.60 3.29 -32.19
CA GLN A 202 5.09 4.65 -32.27
C GLN A 202 3.77 4.67 -33.05
N LEU A 203 2.77 5.35 -32.50
CA LEU A 203 1.46 5.46 -33.14
C LEU A 203 0.94 6.89 -33.05
N PRO A 204 1.02 7.65 -34.16
CA PRO A 204 0.55 9.04 -34.22
C PRO A 204 -0.92 9.20 -33.90
N GLY A 205 -1.27 10.30 -33.24
CA GLY A 205 -2.65 10.54 -32.89
C GLY A 205 -2.89 12.00 -32.52
N ILE A 206 -3.99 12.24 -31.80
CA ILE A 206 -4.35 13.59 -31.37
C ILE A 206 -5.02 13.50 -30.01
N ILE A 207 -4.42 14.14 -29.02
CA ILE A 207 -4.96 14.13 -27.67
C ILE A 207 -6.42 14.56 -27.65
N SER A 208 -7.28 13.74 -27.06
CA SER A 208 -8.71 14.03 -26.98
C SER A 208 -9.09 14.48 -25.57
N HIS A 209 -8.30 14.08 -24.59
CA HIS A 209 -8.56 14.45 -23.20
C HIS A 209 -7.33 14.27 -22.33
N ILE A 210 -7.27 15.03 -21.25
CA ILE A 210 -6.15 14.97 -20.32
C ILE A 210 -6.63 15.14 -18.88
N GLU A 211 -6.47 14.07 -18.10
CA GLU A 211 -6.87 14.04 -16.70
C GLU A 211 -5.65 14.32 -15.83
N ARG A 212 -5.60 15.50 -15.22
CA ARG A 212 -4.49 15.86 -14.35
C ARG A 212 -4.70 15.34 -12.94
N GLY A 213 -3.61 14.95 -12.31
CA GLY A 213 -3.68 14.45 -10.94
C GLY A 213 -2.53 15.04 -10.15
N ALA A 214 -2.42 14.66 -8.88
CA ALA A 214 -1.35 15.18 -8.05
C ALA A 214 0.03 14.76 -8.58
N GLU A 215 0.16 13.55 -9.10
CA GLU A 215 1.45 13.10 -9.63
C GLU A 215 1.35 12.43 -11.00
N GLN A 216 0.15 11.93 -11.31
CA GLN A 216 -0.08 11.24 -12.57
C GLN A 216 -1.19 11.87 -13.42
N CYS A 217 -1.03 11.79 -14.73
CA CYS A 217 -2.02 12.32 -15.67
C CYS A 217 -2.54 11.18 -16.52
N GLU A 218 -3.77 11.29 -17.00
CA GLU A 218 -4.32 10.25 -17.87
C GLU A 218 -4.64 10.88 -19.21
N VAL A 219 -3.74 10.67 -20.17
CA VAL A 219 -3.90 11.21 -21.50
C VAL A 219 -4.61 10.24 -22.43
N LEU A 220 -5.68 10.74 -23.06
CA LEU A 220 -6.46 9.93 -23.99
C LEU A 220 -6.22 10.45 -25.39
N MET A 221 -5.58 9.63 -26.22
CA MET A 221 -5.29 10.00 -27.60
C MET A 221 -6.20 9.21 -28.53
N ALA A 222 -6.81 9.91 -29.48
CA ALA A 222 -7.70 9.27 -30.44
C ALA A 222 -6.89 8.75 -31.62
N LEU A 223 -6.92 7.43 -31.82
CA LEU A 223 -6.19 6.81 -32.92
C LEU A 223 -6.93 7.08 -34.23
N PRO A 224 -6.20 7.18 -35.36
CA PRO A 224 -6.83 7.44 -36.66
C PRO A 224 -8.00 6.50 -36.87
N ASP A 225 -7.95 5.39 -36.14
CA ASP A 225 -8.99 4.38 -36.16
C ASP A 225 -10.28 5.12 -35.82
N GLY A 226 -10.18 5.96 -34.79
CA GLY A 226 -11.33 6.72 -34.34
C GLY A 226 -11.61 6.26 -32.92
N GLN A 227 -10.74 5.37 -32.45
CA GLN A 227 -10.84 4.80 -31.11
C GLN A 227 -10.17 5.68 -30.07
N THR A 228 -9.54 5.05 -29.09
CA THR A 228 -8.87 5.79 -28.03
C THR A 228 -7.76 5.01 -27.34
N LEU A 229 -6.55 5.57 -27.39
CA LEU A 229 -5.38 4.99 -26.75
C LEU A 229 -5.33 5.66 -25.38
N CYS A 230 -4.89 4.92 -24.37
CA CYS A 230 -4.79 5.50 -23.03
C CYS A 230 -3.39 5.36 -22.47
N ALA A 231 -2.89 6.46 -21.91
CA ALA A 231 -1.57 6.46 -21.33
C ALA A 231 -1.58 7.18 -19.99
N THR A 232 -0.84 6.63 -19.03
CA THR A 232 -0.73 7.24 -17.72
C THR A 232 0.64 7.91 -17.75
N VAL A 233 0.63 9.23 -17.81
CA VAL A 233 1.86 10.02 -17.89
C VAL A 233 2.18 10.78 -16.61
N PRO A 234 3.44 10.71 -16.16
CA PRO A 234 3.82 11.43 -14.95
C PRO A 234 3.69 12.92 -15.27
N VAL A 235 3.11 13.71 -14.37
CA VAL A 235 2.98 15.14 -14.61
C VAL A 235 4.37 15.63 -15.01
N ASN A 236 5.35 14.84 -14.60
CA ASN A 236 6.75 15.08 -14.87
C ASN A 236 6.98 15.11 -16.39
N GLU A 237 6.36 14.18 -17.09
CA GLU A 237 6.49 14.07 -18.54
C GLU A 237 5.22 14.52 -19.25
N ALA A 238 4.42 15.35 -18.59
CA ALA A 238 3.19 15.85 -19.18
C ALA A 238 3.06 17.35 -18.89
N THR A 239 4.18 18.05 -19.01
CA THR A 239 4.21 19.48 -18.75
C THR A 239 3.80 20.30 -19.98
N SER A 240 4.06 19.76 -21.16
CA SER A 240 3.74 20.45 -22.40
C SER A 240 2.61 19.80 -23.18
N LEU A 241 2.00 18.76 -22.61
CA LEU A 241 0.90 18.07 -23.28
C LEU A 241 -0.42 18.81 -23.11
N GLN A 242 -1.07 19.11 -24.23
CA GLN A 242 -2.35 19.82 -24.21
C GLN A 242 -3.41 19.08 -25.03
N GLN A 243 -4.64 19.57 -24.99
CA GLN A 243 -5.75 18.92 -25.71
C GLN A 243 -5.93 19.36 -27.17
N GLY A 244 -6.18 18.37 -28.04
CA GLY A 244 -6.39 18.64 -29.45
C GLY A 244 -5.07 18.84 -30.18
N GLN A 245 -4.03 18.22 -29.65
CA GLN A 245 -2.68 18.34 -30.18
C GLN A 245 -2.24 17.10 -30.95
N ASN A 246 -1.51 17.28 -32.05
CA ASN A 246 -1.04 16.16 -32.83
C ASN A 246 0.20 15.57 -32.17
N VAL A 247 0.03 14.41 -31.56
CA VAL A 247 1.12 13.75 -30.88
C VAL A 247 1.39 12.34 -31.38
N THR A 248 2.46 11.76 -30.89
CA THR A 248 2.84 10.41 -31.26
C THR A 248 3.02 9.61 -29.97
N ALA A 249 2.19 8.59 -29.81
CA ALA A 249 2.27 7.74 -28.63
C ALA A 249 3.38 6.72 -28.91
N TYR A 250 4.18 6.39 -27.89
CA TYR A 250 5.26 5.45 -28.10
C TYR A 250 5.51 4.52 -26.93
N PHE A 251 5.97 3.31 -27.26
CA PHE A 251 6.29 2.29 -26.27
C PHE A 251 7.32 1.36 -26.89
N ASN A 252 7.95 0.54 -26.06
CA ASN A 252 8.95 -0.40 -26.55
C ASN A 252 8.36 -1.79 -26.77
N ALA A 253 9.16 -2.67 -27.37
CA ALA A 253 8.72 -4.02 -27.68
C ALA A 253 8.57 -4.93 -26.47
N ASP A 254 9.39 -4.71 -25.45
CA ASP A 254 9.36 -5.54 -24.24
C ASP A 254 8.36 -5.07 -23.19
N SER A 255 7.47 -4.17 -23.56
CA SER A 255 6.47 -3.65 -22.63
C SER A 255 5.06 -4.04 -23.04
N VAL A 256 4.95 -5.05 -23.89
CA VAL A 256 3.65 -5.52 -24.36
C VAL A 256 3.49 -7.02 -24.14
N ILE A 257 2.31 -7.41 -23.67
CA ILE A 257 2.01 -8.82 -23.44
C ILE A 257 1.07 -9.32 -24.54
N ILE A 258 1.25 -10.56 -24.94
CA ILE A 258 0.41 -11.16 -25.98
C ILE A 258 -0.52 -12.19 -25.35
N ALA A 259 -1.77 -12.20 -25.81
CA ALA A 259 -2.76 -13.14 -25.31
C ALA A 259 -3.34 -13.91 -26.48
N THR A 260 -3.12 -15.22 -26.50
CA THR A 260 -3.62 -16.06 -27.58
C THR A 260 -4.51 -17.19 -27.06
N LEU A 261 -5.06 -17.97 -27.99
CA LEU A 261 -5.91 -19.09 -27.65
C LEU A 261 -5.09 -20.36 -27.50
N CYS A 262 -5.35 -21.11 -26.43
CA CYS A 262 -4.66 -22.36 -26.17
C CYS A 262 -3.14 -22.18 -26.12
N MET B 1 -12.62 -40.38 -29.02
CA MET B 1 -11.46 -39.74 -28.35
C MET B 1 -11.91 -38.67 -27.36
N GLN B 2 -13.04 -38.05 -27.64
CA GLN B 2 -13.60 -37.03 -26.76
C GLN B 2 -15.04 -37.40 -26.44
N ALA B 3 -15.83 -36.39 -26.10
CA ALA B 3 -17.24 -36.56 -25.78
C ALA B 3 -17.96 -35.40 -26.47
N GLU B 4 -19.24 -35.56 -26.74
CA GLU B 4 -19.99 -34.49 -27.40
C GLU B 4 -21.02 -33.88 -26.47
N ILE B 5 -20.97 -32.56 -26.36
CA ILE B 5 -21.90 -31.83 -25.50
C ILE B 5 -23.00 -31.19 -26.36
N LEU B 6 -24.23 -31.20 -25.85
CA LEU B 6 -25.37 -30.65 -26.57
C LEU B 6 -25.94 -29.44 -25.83
N LEU B 7 -25.92 -28.29 -26.51
CA LEU B 7 -26.41 -27.04 -25.93
C LEU B 7 -27.90 -26.81 -26.08
N THR B 8 -28.66 -27.07 -25.02
CA THR B 8 -30.10 -26.85 -25.04
C THR B 8 -30.31 -25.45 -24.47
N LEU B 9 -31.13 -24.65 -25.16
CA LEU B 9 -31.38 -23.28 -24.73
C LEU B 9 -32.84 -23.04 -24.36
N LYS B 10 -33.13 -22.91 -23.07
CA LYS B 10 -34.48 -22.66 -22.61
C LYS B 10 -34.75 -21.17 -22.42
N LEU B 11 -35.90 -20.72 -22.91
CA LEU B 11 -36.28 -19.32 -22.80
C LEU B 11 -37.61 -19.20 -22.05
N GLN B 12 -37.54 -18.79 -20.79
CA GLN B 12 -38.73 -18.64 -19.95
C GLN B 12 -39.52 -19.95 -19.82
N GLN B 13 -38.91 -20.89 -19.10
CA GLN B 13 -39.52 -22.20 -18.86
C GLN B 13 -40.16 -22.84 -20.08
N LYS B 14 -39.32 -23.44 -20.93
CA LYS B 14 -39.78 -24.12 -22.14
C LYS B 14 -38.56 -24.44 -22.99
N LEU B 15 -38.74 -24.53 -24.30
CA LEU B 15 -37.63 -24.83 -25.20
C LEU B 15 -37.46 -23.73 -26.24
N PHE B 16 -36.21 -23.47 -26.62
CA PHE B 16 -35.93 -22.46 -27.63
C PHE B 16 -34.91 -22.93 -28.66
N ALA B 17 -33.84 -23.57 -28.21
CA ALA B 17 -32.81 -24.04 -29.13
C ALA B 17 -32.34 -25.47 -28.85
N ASP B 18 -32.61 -26.35 -29.80
CA ASP B 18 -32.23 -27.76 -29.70
C ASP B 18 -31.18 -27.99 -30.79
N PRO B 19 -30.20 -28.87 -30.53
CA PRO B 19 -29.19 -29.11 -31.57
C PRO B 19 -29.93 -29.36 -32.89
N ARG B 20 -30.90 -30.26 -32.84
CA ARG B 20 -31.69 -30.59 -34.02
C ARG B 20 -32.44 -29.35 -34.48
N ARG B 21 -32.80 -28.49 -33.54
CA ARG B 21 -33.52 -27.26 -33.86
C ARG B 21 -32.69 -26.25 -34.64
N ILE B 22 -31.46 -26.02 -34.19
CA ILE B 22 -30.59 -25.08 -34.90
C ILE B 22 -30.34 -25.66 -36.28
N SER B 23 -30.30 -26.99 -36.35
CA SER B 23 -30.08 -27.70 -37.60
C SER B 23 -31.19 -27.34 -38.57
N LEU B 24 -32.37 -27.04 -38.03
CA LEU B 24 -33.51 -26.66 -38.85
C LEU B 24 -33.37 -25.25 -39.40
N LEU B 25 -32.96 -24.33 -38.53
CA LEU B 25 -32.78 -22.94 -38.92
C LEU B 25 -31.69 -22.80 -39.99
N LYS B 26 -30.70 -23.68 -39.93
CA LYS B 26 -29.62 -23.62 -40.91
C LYS B 26 -30.04 -24.28 -42.22
N HIS B 27 -30.78 -25.38 -42.12
CA HIS B 27 -31.24 -26.09 -43.31
C HIS B 27 -32.38 -25.37 -44.01
N ILE B 28 -32.97 -24.39 -43.35
CA ILE B 28 -34.08 -23.63 -43.93
C ILE B 28 -33.51 -22.39 -44.62
N ALA B 29 -32.26 -22.09 -44.34
CA ALA B 29 -31.57 -20.94 -44.93
C ALA B 29 -30.85 -21.39 -46.19
N LEU B 30 -30.53 -22.68 -46.24
CA LEU B 30 -29.82 -23.25 -47.39
C LEU B 30 -30.83 -23.84 -48.38
N SER B 31 -32.04 -24.12 -47.91
CA SER B 31 -33.08 -24.67 -48.76
C SER B 31 -34.08 -23.57 -49.12
N GLY B 32 -34.37 -22.72 -48.15
CA GLY B 32 -35.31 -21.63 -48.37
C GLY B 32 -36.74 -22.10 -48.37
N SER B 33 -36.96 -23.33 -47.90
CA SER B 33 -38.30 -23.90 -47.87
C SER B 33 -38.85 -24.13 -46.47
N ILE B 34 -40.16 -23.94 -46.34
CA ILE B 34 -40.85 -24.13 -45.08
C ILE B 34 -40.70 -25.59 -44.63
N SER B 35 -40.66 -26.49 -45.61
CA SER B 35 -40.56 -27.92 -45.34
C SER B 35 -39.18 -28.53 -45.60
N GLN B 36 -38.62 -28.25 -46.78
CA GLN B 36 -37.31 -28.80 -47.16
C GLN B 36 -36.27 -28.67 -46.05
N GLY B 37 -36.47 -27.72 -45.14
CA GLY B 37 -35.52 -27.55 -44.05
C GLY B 37 -35.89 -28.55 -42.98
N ALA B 38 -37.19 -28.66 -42.71
CA ALA B 38 -37.71 -29.60 -41.73
C ALA B 38 -37.33 -30.99 -42.22
N LYS B 39 -37.27 -31.14 -43.54
CA LYS B 39 -36.91 -32.40 -44.17
C LYS B 39 -35.41 -32.65 -44.06
N ASP B 40 -34.62 -31.69 -44.53
CA ASP B 40 -33.16 -31.81 -44.49
C ASP B 40 -32.59 -31.98 -43.09
N ALA B 41 -33.40 -32.38 -42.11
CA ALA B 41 -32.88 -32.54 -40.76
C ALA B 41 -33.69 -33.41 -39.78
N GLY B 42 -34.35 -34.44 -40.30
CA GLY B 42 -35.12 -35.34 -39.45
C GLY B 42 -36.33 -34.83 -38.68
N ILE B 43 -37.06 -33.89 -39.26
CA ILE B 43 -38.26 -33.34 -38.62
C ILE B 43 -39.35 -33.44 -39.70
N SER B 44 -40.63 -33.31 -39.34
CA SER B 44 -41.69 -33.47 -40.34
C SER B 44 -42.62 -32.26 -40.57
N TYR B 45 -42.03 -31.10 -40.90
CA TYR B 45 -42.79 -29.88 -41.11
C TYR B 45 -43.86 -29.68 -40.05
N LYS B 46 -43.74 -30.43 -38.96
CA LYS B 46 -44.66 -30.34 -37.85
C LYS B 46 -43.86 -29.94 -36.64
N SER B 47 -42.98 -30.83 -36.20
CA SER B 47 -42.12 -30.52 -35.05
C SER B 47 -41.30 -29.32 -35.48
N ALA B 48 -41.36 -29.02 -36.78
CA ALA B 48 -40.64 -27.90 -37.36
C ALA B 48 -41.49 -26.63 -37.30
N TRP B 49 -42.71 -26.70 -37.84
CA TRP B 49 -43.60 -25.55 -37.83
C TRP B 49 -44.05 -25.23 -36.41
N ASP B 50 -44.08 -26.24 -35.55
CA ASP B 50 -44.49 -26.06 -34.16
C ASP B 50 -43.33 -25.51 -33.33
N ALA B 51 -42.12 -25.90 -33.71
CA ALA B 51 -40.93 -25.44 -33.01
C ALA B 51 -40.47 -24.08 -33.52
N ILE B 52 -41.20 -23.56 -34.50
CA ILE B 52 -40.89 -22.26 -35.08
C ILE B 52 -41.88 -21.21 -34.61
N ASN B 53 -43.17 -21.46 -34.82
CA ASN B 53 -44.19 -20.52 -34.38
C ASN B 53 -44.00 -20.30 -32.89
N GLU B 54 -43.34 -21.27 -32.24
CA GLU B 54 -43.08 -21.19 -30.81
C GLU B 54 -41.67 -20.67 -30.58
N MET B 55 -40.87 -20.60 -31.64
CA MET B 55 -39.50 -20.09 -31.52
C MET B 55 -39.49 -18.61 -31.86
N ASN B 56 -40.32 -18.21 -32.82
CA ASN B 56 -40.42 -16.81 -33.22
C ASN B 56 -41.05 -16.06 -32.05
N GLN B 57 -42.09 -16.68 -31.49
CA GLN B 57 -42.82 -16.16 -30.36
C GLN B 57 -41.90 -15.91 -29.17
N LEU B 58 -41.40 -16.99 -28.60
CA LEU B 58 -40.51 -16.93 -27.45
C LEU B 58 -39.39 -15.91 -27.66
N SER B 59 -38.93 -15.79 -28.91
CA SER B 59 -37.86 -14.85 -29.25
C SER B 59 -38.40 -13.42 -29.39
N GLU B 60 -37.58 -12.45 -29.03
CA GLU B 60 -37.92 -11.04 -29.09
C GLU B 60 -37.81 -10.47 -30.51
N HIS B 61 -37.65 -11.36 -31.48
CA HIS B 61 -37.52 -10.97 -32.87
C HIS B 61 -37.92 -12.14 -33.76
N ILE B 62 -38.79 -11.90 -34.73
CA ILE B 62 -39.21 -12.96 -35.63
C ILE B 62 -37.93 -13.50 -36.25
N LEU B 63 -37.77 -14.82 -36.25
CA LEU B 63 -36.58 -15.42 -36.80
C LEU B 63 -36.79 -15.90 -38.25
N VAL B 64 -38.05 -16.08 -38.65
CA VAL B 64 -38.37 -16.54 -40.00
C VAL B 64 -39.75 -16.04 -40.45
N GLU B 65 -39.84 -15.03 -41.33
CA GLU B 65 -41.19 -14.60 -41.69
C GLU B 65 -41.97 -15.52 -42.68
N ARG B 66 -42.01 -15.18 -43.97
CA ARG B 66 -42.63 -16.09 -44.96
C ARG B 66 -41.64 -16.38 -46.09
N ALA B 67 -41.81 -15.61 -47.17
CA ALA B 67 -40.86 -15.49 -48.27
C ALA B 67 -40.93 -13.96 -48.50
N THR B 68 -41.65 -13.68 -49.59
CA THR B 68 -42.15 -12.40 -50.12
C THR B 68 -43.68 -12.23 -50.03
N GLY B 69 -44.18 -11.02 -49.81
CA GLY B 69 -45.63 -10.81 -49.78
C GLY B 69 -46.14 -9.87 -50.87
N ALA B 76 -40.00 -19.66 -47.16
CA ALA B 76 -39.34 -19.73 -45.86
C ALA B 76 -38.02 -18.95 -45.87
N VAL B 77 -38.04 -17.77 -45.27
CA VAL B 77 -36.85 -16.93 -45.20
C VAL B 77 -36.57 -16.47 -43.78
N LEU B 78 -35.30 -16.31 -43.43
CA LEU B 78 -34.90 -15.89 -42.09
C LEU B 78 -34.83 -14.38 -41.90
N THR B 79 -34.34 -13.99 -40.72
CA THR B 79 -34.18 -12.59 -40.36
C THR B 79 -32.75 -12.43 -39.84
N ARG B 80 -32.21 -11.23 -39.94
CA ARG B 80 -30.85 -10.97 -39.47
C ARG B 80 -30.66 -11.57 -38.09
N TYR B 81 -31.61 -11.28 -37.22
CA TYR B 81 -31.56 -11.77 -35.85
C TYR B 81 -31.56 -13.30 -35.85
N GLY B 82 -32.21 -13.90 -36.84
CA GLY B 82 -32.21 -15.36 -36.92
C GLY B 82 -30.81 -15.82 -37.30
N GLN B 83 -30.10 -14.96 -38.02
CA GLN B 83 -28.74 -15.24 -38.45
C GLN B 83 -27.76 -15.11 -37.30
N ARG B 84 -28.03 -14.15 -36.41
CA ARG B 84 -27.16 -13.93 -35.26
C ARG B 84 -27.38 -15.06 -34.26
N LEU B 85 -28.59 -15.61 -34.22
CA LEU B 85 -28.88 -16.70 -33.30
C LEU B 85 -28.03 -17.90 -33.69
N ILE B 86 -27.83 -18.09 -34.99
CA ILE B 86 -27.03 -19.19 -35.48
C ILE B 86 -25.56 -18.92 -35.15
N GLN B 87 -25.11 -17.71 -35.41
CA GLN B 87 -23.74 -17.34 -35.11
C GLN B 87 -23.50 -17.51 -33.62
N LEU B 88 -24.44 -17.04 -32.83
CA LEU B 88 -24.35 -17.12 -31.37
C LEU B 88 -24.31 -18.56 -30.85
N TYR B 89 -25.24 -19.39 -31.29
CA TYR B 89 -25.28 -20.77 -30.83
C TYR B 89 -24.00 -21.49 -31.23
N ASP B 90 -23.71 -21.55 -32.52
CA ASP B 90 -22.51 -22.21 -33.01
C ASP B 90 -21.31 -21.86 -32.16
N LEU B 91 -21.19 -20.56 -31.85
CA LEU B 91 -20.09 -20.08 -31.04
C LEU B 91 -20.21 -20.67 -29.64
N LEU B 92 -21.40 -20.58 -29.08
CA LEU B 92 -21.65 -21.12 -27.74
C LEU B 92 -21.35 -22.61 -27.76
N ALA B 93 -21.32 -23.17 -28.96
CA ALA B 93 -21.04 -24.58 -29.14
C ALA B 93 -19.52 -24.79 -29.12
N GLN B 94 -18.79 -23.83 -29.68
CA GLN B 94 -17.33 -23.92 -29.73
C GLN B 94 -16.73 -23.84 -28.33
N ILE B 95 -17.26 -22.95 -27.50
CA ILE B 95 -16.80 -22.73 -26.13
C ILE B 95 -16.78 -24.05 -25.38
N GLN B 96 -17.95 -24.66 -25.32
CA GLN B 96 -18.18 -25.94 -24.67
C GLN B 96 -17.04 -26.89 -24.93
N GLN B 97 -16.81 -27.18 -26.20
CA GLN B 97 -15.76 -28.10 -26.59
C GLN B 97 -14.42 -27.75 -25.93
N LYS B 98 -13.99 -26.50 -26.05
CA LYS B 98 -12.71 -26.10 -25.47
C LYS B 98 -12.67 -26.06 -23.95
N ALA B 99 -13.71 -25.52 -23.31
CA ALA B 99 -13.76 -25.44 -21.85
C ALA B 99 -13.77 -26.87 -21.33
N PHE B 100 -14.33 -27.73 -22.17
CA PHE B 100 -14.45 -29.14 -21.93
C PHE B 100 -13.13 -29.83 -22.25
N ASP B 101 -12.54 -29.47 -23.39
CA ASP B 101 -11.26 -30.04 -23.81
C ASP B 101 -10.25 -29.67 -22.74
N VAL B 102 -10.33 -28.43 -22.28
CA VAL B 102 -9.48 -27.94 -21.21
C VAL B 102 -10.29 -28.34 -19.98
N LEU B 103 -9.75 -28.20 -18.78
CA LEU B 103 -10.49 -28.64 -17.60
C LEU B 103 -10.77 -30.12 -17.87
N SER B 104 -10.11 -30.62 -18.91
CA SER B 104 -10.22 -32.00 -19.36
C SER B 104 -10.32 -32.99 -18.22
N ASP B 105 -9.18 -33.35 -17.64
CA ASP B 105 -9.18 -34.31 -16.56
C ASP B 105 -7.87 -34.61 -15.81
N ASP B 106 -8.10 -35.46 -14.82
CA ASP B 106 -7.15 -36.11 -13.91
C ASP B 106 -6.08 -35.46 -13.05
N ASP B 107 -5.21 -36.34 -12.56
CA ASP B 107 -4.11 -36.03 -11.65
C ASP B 107 -3.05 -35.18 -12.32
N ALA B 108 -2.93 -35.33 -13.63
CA ALA B 108 -1.91 -34.61 -14.38
C ALA B 108 -1.90 -33.08 -14.31
N LEU B 109 -2.99 -32.39 -14.65
CA LEU B 109 -3.03 -30.93 -14.51
C LEU B 109 -3.42 -29.98 -13.32
N PRO B 110 -4.57 -30.23 -12.63
CA PRO B 110 -5.23 -29.55 -11.49
C PRO B 110 -4.53 -28.64 -10.46
N LEU B 111 -5.07 -27.42 -10.30
CA LEU B 111 -4.57 -26.41 -9.35
C LEU B 111 -5.66 -25.33 -9.21
N ASN B 112 -6.31 -25.33 -8.06
CA ASN B 112 -7.44 -24.48 -7.67
C ASN B 112 -8.74 -24.58 -8.54
N SER B 113 -9.63 -23.60 -8.32
CA SER B 113 -10.97 -23.44 -8.92
C SER B 113 -11.31 -22.30 -9.89
N LEU B 114 -12.63 -22.03 -9.97
CA LEU B 114 -13.22 -20.92 -10.75
C LEU B 114 -12.27 -20.01 -11.52
N LEU B 115 -11.60 -19.08 -10.83
CA LEU B 115 -10.68 -18.17 -11.52
C LEU B 115 -9.49 -18.97 -12.05
N ALA B 116 -8.96 -19.82 -11.18
CA ALA B 116 -7.81 -20.66 -11.52
C ALA B 116 -8.10 -21.66 -12.63
N ALA B 117 -9.35 -22.08 -12.74
CA ALA B 117 -9.76 -23.05 -13.76
C ALA B 117 -10.17 -22.37 -15.05
N ILE B 118 -10.74 -21.18 -14.96
CA ILE B 118 -11.16 -20.48 -16.16
C ILE B 118 -9.92 -20.04 -16.92
N SER B 119 -8.91 -19.60 -16.20
CA SER B 119 -7.66 -19.14 -16.80
C SER B 119 -7.02 -20.26 -17.59
N ARG B 120 -7.48 -21.49 -17.36
CA ARG B 120 -6.92 -22.65 -18.04
C ARG B 120 -7.45 -22.84 -19.46
N PHE B 121 -8.71 -22.51 -19.70
CA PHE B 121 -9.28 -22.67 -21.03
C PHE B 121 -9.41 -21.30 -21.69
N SER B 122 -9.48 -20.26 -20.86
CA SER B 122 -9.58 -18.89 -21.37
C SER B 122 -8.28 -18.61 -22.13
N LEU B 123 -8.06 -17.35 -22.51
CA LEU B 123 -6.85 -17.02 -23.24
C LEU B 123 -5.61 -17.21 -22.35
N GLN B 124 -4.46 -17.28 -23.01
CA GLN B 124 -3.20 -17.45 -22.31
C GLN B 124 -2.31 -16.29 -22.71
N THR B 125 -1.45 -15.85 -21.79
CA THR B 125 -0.55 -14.73 -22.07
C THR B 125 0.90 -15.16 -22.17
N SER B 126 1.73 -14.26 -22.69
CA SER B 126 3.16 -14.54 -22.84
C SER B 126 3.94 -14.28 -21.55
N ALA B 127 3.25 -13.80 -20.52
CA ALA B 127 3.91 -13.52 -19.25
C ALA B 127 4.43 -14.81 -18.62
N ARG B 128 5.72 -14.83 -18.32
CA ARG B 128 6.37 -15.99 -17.72
C ARG B 128 6.09 -16.10 -16.22
N ASN B 129 5.54 -15.04 -15.64
CA ASN B 129 5.23 -15.02 -14.22
C ASN B 129 3.76 -14.71 -13.99
N GLN B 130 2.98 -15.73 -13.61
CA GLN B 130 1.56 -15.55 -13.36
C GLN B 130 1.21 -16.09 -11.98
N TRP B 131 0.67 -15.23 -11.12
CA TRP B 131 0.32 -15.61 -9.77
C TRP B 131 -1.09 -15.23 -9.34
N PHE B 132 -1.67 -16.04 -8.47
CA PHE B 132 -3.00 -15.80 -7.94
C PHE B 132 -2.86 -15.18 -6.56
N GLY B 133 -3.71 -14.20 -6.26
CA GLY B 133 -3.67 -13.55 -4.97
C GLY B 133 -5.06 -13.11 -4.56
N THR B 134 -5.13 -12.08 -3.73
CA THR B 134 -6.40 -11.54 -3.27
C THR B 134 -6.17 -10.07 -2.90
N ILE B 135 -7.07 -9.19 -3.35
CA ILE B 135 -6.95 -7.76 -3.05
C ILE B 135 -7.16 -7.53 -1.56
N THR B 136 -6.15 -6.99 -0.89
CA THR B 136 -6.25 -6.72 0.55
C THR B 136 -6.46 -5.24 0.85
N ALA B 137 -6.41 -4.41 -0.18
CA ALA B 137 -6.60 -2.97 -0.01
C ALA B 137 -6.54 -2.24 -1.36
N ARG B 138 -7.02 -1.00 -1.36
CA ARG B 138 -7.03 -0.18 -2.56
C ARG B 138 -7.41 1.25 -2.18
N ASP B 139 -6.81 2.23 -2.84
CA ASP B 139 -7.15 3.61 -2.56
C ASP B 139 -8.19 4.07 -3.56
N HIS B 140 -8.31 5.37 -3.74
CA HIS B 140 -9.26 5.95 -4.67
C HIS B 140 -8.71 7.22 -5.29
N ASP B 141 -7.59 7.06 -6.00
CA ASP B 141 -6.94 8.18 -6.68
C ASP B 141 -7.71 8.41 -7.97
N ASP B 142 -8.05 9.67 -8.24
CA ASP B 142 -8.83 10.00 -9.44
C ASP B 142 -8.18 9.60 -10.76
N VAL B 143 -6.86 9.42 -10.78
CA VAL B 143 -6.17 9.06 -12.01
C VAL B 143 -5.57 7.65 -11.94
N GLN B 144 -4.59 7.44 -11.05
CA GLN B 144 -3.98 6.12 -10.90
C GLN B 144 -4.12 5.63 -9.47
N GLN B 145 -4.59 4.40 -9.32
CA GLN B 145 -4.79 3.83 -8.00
C GLN B 145 -3.85 2.66 -7.70
N HIS B 146 -3.67 2.39 -6.41
CA HIS B 146 -2.81 1.28 -5.98
C HIS B 146 -3.57 0.32 -5.09
N VAL B 147 -3.37 -0.96 -5.34
CA VAL B 147 -4.02 -2.01 -4.55
C VAL B 147 -2.94 -2.95 -4.02
N ASP B 148 -3.22 -3.54 -2.86
CA ASP B 148 -2.30 -4.50 -2.24
C ASP B 148 -2.80 -5.91 -2.55
N VAL B 149 -1.89 -6.78 -2.96
CA VAL B 149 -2.26 -8.15 -3.29
C VAL B 149 -1.56 -9.18 -2.41
N LEU B 150 -2.34 -10.09 -1.84
CA LEU B 150 -1.79 -11.14 -1.00
C LEU B 150 -1.85 -12.44 -1.80
N LEU B 151 -0.69 -12.88 -2.27
CA LEU B 151 -0.57 -14.09 -3.07
C LEU B 151 -1.17 -15.33 -2.42
N ALA B 152 -1.65 -16.26 -3.25
CA ALA B 152 -2.27 -17.49 -2.78
C ALA B 152 -1.40 -18.21 -1.74
N ASP B 153 -0.18 -17.74 -1.56
CA ASP B 153 0.73 -18.34 -0.59
C ASP B 153 0.52 -17.71 0.79
N GLY B 154 -0.43 -16.78 0.84
CA GLY B 154 -0.76 -16.08 2.08
C GLY B 154 0.41 -15.52 2.87
N LYS B 155 1.58 -15.44 2.25
CA LYS B 155 2.76 -14.92 2.93
C LYS B 155 3.48 -13.86 2.10
N THR B 156 2.98 -13.59 0.90
CA THR B 156 3.64 -12.59 0.07
C THR B 156 2.73 -11.44 -0.32
N ARG B 157 3.24 -10.23 -0.11
CA ARG B 157 2.52 -9.01 -0.41
C ARG B 157 3.11 -8.31 -1.62
N LEU B 158 2.25 -7.69 -2.42
CA LEU B 158 2.69 -6.97 -3.62
C LEU B 158 1.84 -5.74 -3.85
N LYS B 159 2.49 -4.66 -4.26
CA LYS B 159 1.79 -3.42 -4.56
C LYS B 159 1.67 -3.29 -6.07
N VAL B 160 0.43 -3.12 -6.55
CA VAL B 160 0.18 -2.99 -7.97
C VAL B 160 -0.57 -1.68 -8.25
N ALA B 161 -0.33 -1.10 -9.42
CA ALA B 161 -0.97 0.14 -9.81
C ALA B 161 -1.74 0.00 -11.11
N ILE B 162 -2.95 0.55 -11.15
CA ILE B 162 -3.78 0.50 -12.35
C ILE B 162 -4.58 1.79 -12.45
N THR B 163 -5.09 2.11 -13.63
CA THR B 163 -5.88 3.33 -13.79
C THR B 163 -7.17 3.17 -13.01
N ALA B 164 -7.77 4.28 -12.60
CA ALA B 164 -9.01 4.24 -11.83
C ALA B 164 -10.12 3.58 -12.62
N GLN B 165 -10.26 3.96 -13.89
CA GLN B 165 -11.30 3.39 -14.74
C GLN B 165 -11.17 1.87 -14.73
N SER B 166 -9.93 1.39 -14.73
CA SER B 166 -9.67 -0.05 -14.73
C SER B 166 -10.01 -0.65 -13.37
N GLY B 167 -9.56 0.00 -12.31
CA GLY B 167 -9.83 -0.49 -10.98
C GLY B 167 -11.32 -0.60 -10.72
N ALA B 168 -12.08 0.37 -11.24
CA ALA B 168 -13.51 0.40 -11.07
C ALA B 168 -14.24 -0.71 -11.83
N ARG B 169 -13.82 -0.94 -13.07
CA ARG B 169 -14.46 -1.96 -13.90
C ARG B 169 -14.15 -3.40 -13.55
N LEU B 170 -12.93 -3.68 -13.08
CA LEU B 170 -12.58 -5.04 -12.69
C LEU B 170 -13.07 -5.33 -11.28
N GLY B 171 -13.65 -4.32 -10.64
CA GLY B 171 -14.16 -4.49 -9.29
C GLY B 171 -13.06 -4.91 -8.34
N LEU B 172 -11.91 -4.24 -8.45
CA LEU B 172 -10.77 -4.55 -7.61
C LEU B 172 -10.96 -4.13 -6.15
N ASP B 173 -12.11 -4.48 -5.57
CA ASP B 173 -12.35 -4.13 -4.18
C ASP B 173 -11.68 -5.17 -3.29
N GLU B 174 -11.71 -4.94 -1.97
CA GLU B 174 -11.09 -5.85 -1.02
C GLU B 174 -11.68 -7.26 -1.04
N GLY B 175 -10.79 -8.25 -1.12
CA GLY B 175 -11.21 -9.64 -1.16
C GLY B 175 -11.21 -10.23 -2.55
N LYS B 176 -11.21 -9.35 -3.56
CA LYS B 176 -11.23 -9.77 -4.94
C LYS B 176 -10.06 -10.70 -5.28
N GLU B 177 -10.37 -11.83 -5.90
CA GLU B 177 -9.34 -12.78 -6.31
C GLU B 177 -8.82 -12.34 -7.67
N VAL B 178 -7.49 -12.27 -7.80
CA VAL B 178 -6.89 -11.84 -9.05
C VAL B 178 -5.79 -12.77 -9.57
N LEU B 179 -5.19 -12.36 -10.68
CA LEU B 179 -4.10 -13.09 -11.31
C LEU B 179 -3.07 -12.06 -11.74
N ILE B 180 -1.87 -12.16 -11.15
CA ILE B 180 -0.79 -11.24 -11.45
C ILE B 180 -0.01 -11.66 -12.68
N LEU B 181 0.01 -10.78 -13.68
CA LEU B 181 0.73 -11.06 -14.92
C LEU B 181 1.96 -10.18 -15.00
N LEU B 182 3.12 -10.79 -14.75
CA LEU B 182 4.38 -10.08 -14.77
C LEU B 182 5.27 -10.55 -15.92
N LYS B 183 5.48 -9.68 -16.89
CA LYS B 183 6.32 -10.00 -18.04
C LYS B 183 7.76 -10.08 -17.52
N ALA B 184 8.47 -11.13 -17.91
CA ALA B 184 9.85 -11.33 -17.49
C ALA B 184 10.73 -10.09 -17.54
N PRO B 185 10.61 -9.29 -18.61
CA PRO B 185 11.42 -8.07 -18.75
C PRO B 185 11.23 -7.01 -17.67
N TRP B 186 10.12 -7.10 -16.93
CA TRP B 186 9.82 -6.15 -15.87
C TRP B 186 10.44 -6.55 -14.55
N VAL B 187 11.12 -7.69 -14.54
CA VAL B 187 11.75 -8.21 -13.34
C VAL B 187 13.26 -8.02 -13.38
N GLY B 188 13.80 -7.48 -12.29
CA GLY B 188 15.23 -7.29 -12.20
C GLY B 188 15.80 -8.24 -11.17
N ILE B 189 17.08 -8.56 -11.30
CA ILE B 189 17.73 -9.46 -10.37
C ILE B 189 18.93 -8.74 -9.78
N THR B 190 19.10 -8.82 -8.46
CA THR B 190 20.21 -8.14 -7.80
C THR B 190 20.61 -8.76 -6.46
N GLN B 191 21.86 -8.55 -6.08
CA GLN B 191 22.38 -9.03 -4.80
C GLN B 191 22.47 -7.77 -3.95
N ASP B 192 22.32 -6.64 -4.63
CA ASP B 192 22.37 -5.32 -4.03
C ASP B 192 21.04 -5.05 -3.35
N GLU B 193 20.85 -5.59 -2.15
CA GLU B 193 19.60 -5.41 -1.41
C GLU B 193 19.10 -3.97 -1.47
N ALA B 194 20.03 -3.05 -1.70
CA ALA B 194 19.72 -1.63 -1.79
C ALA B 194 18.92 -1.36 -3.06
N VAL B 195 19.38 -1.94 -4.16
CA VAL B 195 18.72 -1.78 -5.46
C VAL B 195 17.33 -2.39 -5.40
N ALA B 196 17.24 -3.60 -4.85
CA ALA B 196 15.96 -4.29 -4.74
C ALA B 196 14.99 -3.51 -3.85
N GLN B 197 15.52 -2.88 -2.80
CA GLN B 197 14.72 -2.13 -1.85
C GLN B 197 14.21 -0.77 -2.34
N ASN B 198 14.58 -0.40 -3.56
CA ASN B 198 14.13 0.88 -4.12
C ASN B 198 12.87 0.66 -4.95
N ALA B 199 12.59 -0.59 -5.28
CA ALA B 199 11.41 -0.94 -6.07
C ALA B 199 10.21 -1.13 -5.15
N ASP B 200 9.03 -1.27 -5.73
CA ASP B 200 7.83 -1.46 -4.93
C ASP B 200 7.66 -2.93 -4.57
N ASN B 201 8.35 -3.80 -5.30
CA ASN B 201 8.23 -5.23 -5.05
C ASN B 201 9.56 -5.96 -5.00
N GLN B 202 9.75 -6.76 -3.96
CA GLN B 202 10.96 -7.55 -3.81
C GLN B 202 10.58 -9.00 -3.55
N LEU B 203 11.32 -9.91 -4.19
CA LEU B 203 11.07 -11.34 -4.02
C LEU B 203 12.43 -12.03 -3.86
N PRO B 204 12.80 -12.36 -2.62
CA PRO B 204 14.08 -13.02 -2.36
C PRO B 204 14.15 -14.40 -3.02
N GLY B 205 15.36 -14.83 -3.37
CA GLY B 205 15.52 -16.13 -3.99
C GLY B 205 16.95 -16.41 -4.42
N ILE B 206 17.15 -17.55 -5.06
CA ILE B 206 18.46 -17.96 -5.55
C ILE B 206 18.37 -18.30 -7.03
N ILE B 207 19.41 -17.93 -7.77
CA ILE B 207 19.44 -18.20 -9.19
C ILE B 207 19.58 -19.71 -9.43
N SER B 208 18.53 -20.33 -9.94
CA SER B 208 18.53 -21.77 -10.19
C SER B 208 19.05 -22.09 -11.59
N HIS B 209 19.15 -21.08 -12.44
CA HIS B 209 19.63 -21.28 -13.81
C HIS B 209 19.85 -19.94 -14.49
N ILE B 210 20.84 -19.89 -15.38
CA ILE B 210 21.15 -18.69 -16.13
C ILE B 210 21.64 -19.03 -17.52
N GLU B 211 20.92 -18.53 -18.52
CA GLU B 211 21.29 -18.74 -19.92
C GLU B 211 21.59 -17.36 -20.49
N ARG B 212 22.77 -17.21 -21.06
CA ARG B 212 23.18 -15.93 -21.62
C ARG B 212 23.13 -15.90 -23.15
N GLY B 213 22.29 -15.02 -23.69
CA GLY B 213 22.16 -14.89 -25.12
C GLY B 213 23.21 -13.93 -25.65
N ALA B 214 22.83 -13.08 -26.58
CA ALA B 214 23.77 -12.11 -27.15
C ALA B 214 23.46 -10.70 -26.63
N GLU B 215 22.18 -10.44 -26.40
CA GLU B 215 21.74 -9.14 -25.89
C GLU B 215 20.90 -9.29 -24.64
N GLN B 216 20.33 -10.47 -24.44
CA GLN B 216 19.51 -10.75 -23.27
C GLN B 216 19.93 -12.05 -22.61
N CYS B 217 19.48 -12.26 -21.38
CA CYS B 217 19.78 -13.46 -20.61
C CYS B 217 18.53 -13.83 -19.84
N GLU B 218 18.17 -15.11 -19.83
CA GLU B 218 17.00 -15.52 -19.08
C GLU B 218 17.45 -16.10 -17.75
N VAL B 219 17.21 -15.36 -16.69
CA VAL B 219 17.59 -15.78 -15.36
C VAL B 219 16.39 -16.38 -14.62
N LEU B 220 16.47 -17.67 -14.34
CA LEU B 220 15.40 -18.35 -13.62
C LEU B 220 15.78 -18.36 -12.15
N MET B 221 14.85 -17.90 -11.32
CA MET B 221 15.09 -17.83 -9.88
C MET B 221 14.18 -18.78 -9.12
N ALA B 222 14.78 -19.64 -8.32
CA ALA B 222 14.00 -20.57 -7.52
C ALA B 222 13.48 -19.82 -6.30
N LEU B 223 12.16 -19.82 -6.13
CA LEU B 223 11.55 -19.13 -5.01
C LEU B 223 11.38 -20.06 -3.81
N PRO B 224 11.30 -19.49 -2.59
CA PRO B 224 11.13 -20.29 -1.38
C PRO B 224 9.92 -21.22 -1.51
N ASP B 225 9.05 -20.87 -2.46
CA ASP B 225 7.85 -21.65 -2.75
C ASP B 225 8.24 -22.98 -3.36
N GLY B 226 9.14 -22.89 -4.33
CA GLY B 226 9.61 -24.03 -5.07
C GLY B 226 9.42 -23.55 -6.49
N GLN B 227 8.51 -22.59 -6.63
CA GLN B 227 8.18 -21.97 -7.90
C GLN B 227 9.40 -21.27 -8.49
N THR B 228 9.33 -20.97 -9.78
CA THR B 228 10.43 -20.30 -10.46
C THR B 228 10.00 -18.97 -11.08
N LEU B 229 10.74 -17.92 -10.76
CA LEU B 229 10.45 -16.60 -11.30
C LEU B 229 11.38 -16.38 -12.48
N CYS B 230 10.81 -15.99 -13.62
CA CYS B 230 11.60 -15.78 -14.82
C CYS B 230 11.81 -14.29 -15.10
N ALA B 231 13.03 -13.93 -15.46
CA ALA B 231 13.35 -12.53 -15.74
C ALA B 231 14.35 -12.44 -16.88
N THR B 232 14.08 -11.56 -17.83
CA THR B 232 14.96 -11.35 -18.97
C THR B 232 15.83 -10.12 -18.72
N VAL B 233 17.08 -10.38 -18.33
CA VAL B 233 18.02 -9.31 -18.02
C VAL B 233 19.06 -9.13 -19.13
N PRO B 234 19.35 -7.87 -19.50
CA PRO B 234 20.34 -7.62 -20.55
C PRO B 234 21.69 -8.15 -20.07
N VAL B 235 22.74 -7.99 -20.88
CA VAL B 235 24.05 -8.48 -20.49
C VAL B 235 24.83 -7.52 -19.61
N ASN B 236 24.76 -6.23 -19.91
CA ASN B 236 25.47 -5.22 -19.14
C ASN B 236 24.87 -5.09 -17.75
N GLU B 237 23.98 -6.01 -17.40
CA GLU B 237 23.33 -6.02 -16.11
C GLU B 237 23.30 -7.43 -15.53
N ALA B 238 23.36 -8.43 -16.40
CA ALA B 238 23.36 -9.83 -15.98
C ALA B 238 24.66 -10.51 -16.39
N THR B 239 25.76 -9.97 -15.91
CA THR B 239 27.10 -10.50 -16.21
C THR B 239 27.69 -11.13 -14.95
N SER B 240 27.54 -10.44 -13.83
CA SER B 240 28.05 -10.90 -12.56
C SER B 240 27.14 -11.95 -11.94
N LEU B 241 25.91 -12.03 -12.44
CA LEU B 241 24.95 -13.00 -11.94
C LEU B 241 25.42 -14.42 -12.20
N GLN B 242 25.32 -15.25 -11.18
CA GLN B 242 25.74 -16.64 -11.31
C GLN B 242 24.67 -17.52 -10.69
N GLN B 243 24.74 -18.80 -10.99
CA GLN B 243 23.79 -19.76 -10.46
C GLN B 243 24.10 -20.03 -9.00
N GLY B 244 23.06 -20.33 -8.23
CA GLY B 244 23.25 -20.60 -6.82
C GLY B 244 23.43 -19.35 -5.98
N GLN B 245 23.44 -18.19 -6.63
CA GLN B 245 23.58 -16.94 -5.89
C GLN B 245 22.28 -16.54 -5.21
N ASN B 246 22.41 -15.88 -4.06
CA ASN B 246 21.25 -15.39 -3.33
C ASN B 246 20.93 -14.01 -3.87
N VAL B 247 19.80 -13.91 -4.58
CA VAL B 247 19.41 -12.65 -5.17
C VAL B 247 18.03 -12.22 -4.70
N THR B 248 17.53 -11.15 -5.30
CA THR B 248 16.23 -10.61 -4.97
C THR B 248 15.62 -10.01 -6.22
N ALA B 249 14.49 -10.58 -6.65
CA ALA B 249 13.80 -10.07 -7.82
C ALA B 249 13.04 -8.83 -7.36
N TYR B 250 12.98 -7.83 -8.22
CA TYR B 250 12.29 -6.59 -7.88
C TYR B 250 11.58 -6.02 -9.10
N PHE B 251 10.47 -5.35 -8.86
CA PHE B 251 9.69 -4.74 -9.91
C PHE B 251 8.75 -3.72 -9.29
N ASN B 252 8.40 -2.69 -10.06
CA ASN B 252 7.51 -1.67 -9.55
C ASN B 252 6.05 -1.96 -9.83
N ALA B 253 5.19 -1.42 -8.97
CA ALA B 253 3.76 -1.60 -9.05
C ALA B 253 3.14 -1.30 -10.42
N ASP B 254 3.71 -0.33 -11.14
CA ASP B 254 3.17 0.04 -12.44
C ASP B 254 3.61 -0.88 -13.57
N SER B 255 4.37 -1.92 -13.23
CA SER B 255 4.85 -2.88 -14.21
C SER B 255 4.19 -4.24 -13.99
N VAL B 256 2.88 -4.22 -13.77
CA VAL B 256 2.13 -5.46 -13.55
C VAL B 256 0.70 -5.34 -14.05
N ILE B 257 0.16 -6.45 -14.57
CA ILE B 257 -1.21 -6.48 -15.07
C ILE B 257 -2.08 -7.36 -14.18
N ILE B 258 -3.33 -6.96 -14.02
CA ILE B 258 -4.28 -7.71 -13.19
C ILE B 258 -5.31 -8.42 -14.07
N ALA B 259 -5.82 -9.54 -13.58
CA ALA B 259 -6.82 -10.30 -14.32
C ALA B 259 -7.87 -10.91 -13.41
N THR B 260 -9.12 -10.47 -13.60
CA THR B 260 -10.24 -10.98 -12.81
C THR B 260 -11.41 -11.32 -13.73
N LEU B 261 -12.31 -12.16 -13.25
CA LEU B 261 -13.47 -12.59 -14.01
C LEU B 261 -14.55 -11.53 -14.16
N CYS B 262 -14.70 -10.70 -13.13
CA CYS B 262 -15.71 -9.64 -13.09
C CYS B 262 -16.90 -9.94 -14.00
N GLN C 2 13.76 38.91 12.77
CA GLN C 2 14.21 37.49 12.76
C GLN C 2 15.64 37.41 13.29
N ALA C 3 15.83 36.61 14.33
CA ALA C 3 17.14 36.47 14.96
C ALA C 3 18.00 35.28 14.56
N GLU C 4 19.30 35.44 14.80
CA GLU C 4 20.31 34.42 14.53
C GLU C 4 20.79 34.03 15.92
N ILE C 5 20.93 32.74 16.20
CA ILE C 5 21.37 32.34 17.52
C ILE C 5 22.70 31.60 17.52
N LEU C 6 23.63 32.10 18.34
CA LEU C 6 24.97 31.52 18.45
C LEU C 6 25.11 30.74 19.76
N LEU C 7 25.73 29.58 19.68
CA LEU C 7 25.93 28.72 20.85
C LEU C 7 27.35 28.78 21.41
N THR C 8 27.49 29.40 22.58
CA THR C 8 28.80 29.51 23.22
C THR C 8 28.92 28.44 24.30
N LEU C 9 29.50 27.30 23.94
CA LEU C 9 29.65 26.19 24.87
C LEU C 9 31.00 26.22 25.59
N LYS C 10 30.97 26.57 26.88
CA LYS C 10 32.21 26.61 27.66
C LYS C 10 32.26 25.46 28.67
N LEU C 11 33.45 24.91 28.87
CA LEU C 11 33.63 23.78 29.78
C LEU C 11 34.49 24.14 31.00
N GLN C 12 34.09 23.65 32.17
CA GLN C 12 34.79 23.91 33.42
C GLN C 12 34.90 25.41 33.69
N GLN C 13 33.84 26.13 33.32
CA GLN C 13 33.80 27.58 33.48
C GLN C 13 34.88 28.24 32.62
N LYS C 14 35.25 27.56 31.55
CA LYS C 14 36.26 28.04 30.62
C LYS C 14 35.73 27.85 29.20
N LEU C 15 36.02 28.79 28.32
CA LEU C 15 35.57 28.70 26.94
C LEU C 15 36.07 27.42 26.29
N PHE C 16 35.14 26.59 25.83
CA PHE C 16 35.53 25.34 25.20
C PHE C 16 35.29 25.38 23.69
N ALA C 17 34.05 25.65 23.31
CA ALA C 17 33.70 25.73 21.91
C ALA C 17 32.74 26.89 21.66
N ASP C 18 33.14 27.76 20.74
CA ASP C 18 32.31 28.90 20.39
C ASP C 18 32.15 28.85 18.88
N PRO C 19 31.24 29.65 18.32
CA PRO C 19 31.05 29.62 16.86
C PRO C 19 32.37 29.67 16.09
N ARG C 20 33.40 30.19 16.76
CA ARG C 20 34.73 30.33 16.17
C ARG C 20 35.58 29.07 16.34
N ARG C 21 35.58 28.50 17.54
CA ARG C 21 36.34 27.28 17.84
C ARG C 21 35.94 26.14 16.92
N ILE C 22 34.67 26.16 16.50
CA ILE C 22 34.13 25.12 15.63
C ILE C 22 34.68 25.24 14.21
N SER C 23 34.50 26.40 13.61
CA SER C 23 34.96 26.65 12.25
C SER C 23 36.39 26.19 12.03
N LEU C 24 37.27 26.52 12.96
CA LEU C 24 38.66 26.13 12.86
C LEU C 24 38.74 24.63 12.56
N LEU C 25 38.09 23.85 13.40
CA LEU C 25 38.08 22.40 13.27
C LEU C 25 37.38 21.90 12.01
N LYS C 26 36.43 22.68 11.49
CA LYS C 26 35.72 22.27 10.29
C LYS C 26 36.62 22.47 9.07
N HIS C 27 37.56 23.42 9.19
CA HIS C 27 38.49 23.69 8.11
C HIS C 27 39.73 22.83 8.21
N ILE C 28 40.13 22.52 9.44
CA ILE C 28 41.30 21.66 9.66
C ILE C 28 40.88 20.32 9.08
N ALA C 29 39.57 20.16 8.91
CA ALA C 29 38.99 18.95 8.35
C ALA C 29 39.11 19.03 6.83
N LEU C 30 38.86 20.22 6.29
CA LEU C 30 38.94 20.44 4.86
C LEU C 30 40.37 20.72 4.40
N SER C 31 40.92 21.86 4.83
CA SER C 31 42.26 22.25 4.45
C SER C 31 43.28 21.11 4.57
N GLY C 32 43.58 20.70 5.80
CA GLY C 32 44.53 19.60 5.98
C GLY C 32 45.72 19.93 6.86
N SER C 33 45.73 21.15 7.40
CA SER C 33 46.81 21.61 8.26
C SER C 33 46.24 22.59 9.28
N ILE C 34 46.74 22.53 10.51
CA ILE C 34 46.26 23.44 11.56
C ILE C 34 46.63 24.88 11.24
N SER C 35 47.55 25.05 10.29
CA SER C 35 47.97 26.38 9.89
C SER C 35 46.93 27.00 8.97
N GLN C 36 46.76 26.43 7.78
CA GLN C 36 45.78 26.93 6.84
C GLN C 36 44.40 26.97 7.50
N GLY C 37 44.18 26.07 8.45
CA GLY C 37 42.89 26.01 9.13
C GLY C 37 42.48 27.25 9.92
N ALA C 38 43.46 27.99 10.43
CA ALA C 38 43.21 29.20 11.22
C ALA C 38 42.80 30.37 10.35
N LYS C 39 43.56 30.56 9.28
CA LYS C 39 43.35 31.63 8.30
C LYS C 39 42.11 31.35 7.47
N ASP C 40 42.09 30.20 6.79
CA ASP C 40 40.94 29.81 5.98
C ASP C 40 39.67 30.10 6.76
N ALA C 41 39.64 29.56 7.98
CA ALA C 41 38.50 29.68 8.88
C ALA C 41 38.31 31.02 9.59
N GLY C 42 39.38 31.59 10.13
CA GLY C 42 39.22 32.86 10.82
C GLY C 42 40.42 33.78 10.80
N ILE C 43 41.36 33.56 11.71
CA ILE C 43 42.56 34.39 11.79
C ILE C 43 43.46 33.91 12.93
N SER C 44 44.76 34.19 12.81
CA SER C 44 45.71 33.82 13.84
C SER C 44 46.10 32.38 14.13
N TYR C 45 47.17 31.91 13.49
CA TYR C 45 47.69 30.58 13.75
C TYR C 45 48.56 30.73 15.00
N LYS C 46 49.05 29.63 15.55
CA LYS C 46 49.88 29.62 16.77
C LYS C 46 49.13 30.18 17.98
N SER C 47 47.84 30.45 17.77
CA SER C 47 46.96 30.96 18.81
C SER C 47 45.80 30.02 18.59
N ALA C 48 45.82 29.44 17.39
CA ALA C 48 44.84 28.46 16.97
C ALA C 48 45.39 27.14 17.48
N TRP C 49 46.71 27.07 17.60
CA TRP C 49 47.39 25.88 18.10
C TRP C 49 46.95 25.69 19.55
N ASP C 50 46.70 26.81 20.22
CA ASP C 50 46.27 26.79 21.61
C ASP C 50 44.77 26.62 21.75
N ALA C 51 44.01 27.41 21.01
CA ALA C 51 42.55 27.31 21.06
C ALA C 51 42.22 25.83 20.93
N ILE C 52 43.09 25.11 20.21
CA ILE C 52 42.95 23.69 19.98
C ILE C 52 43.57 22.88 21.12
N ASN C 53 44.68 23.36 21.66
CA ASN C 53 45.36 22.66 22.74
C ASN C 53 44.60 22.73 24.06
N GLU C 54 43.77 23.75 24.23
CA GLU C 54 42.98 23.92 25.45
C GLU C 54 41.75 23.02 25.38
N MET C 55 41.21 22.86 24.17
CA MET C 55 40.04 22.02 23.98
C MET C 55 40.41 20.56 24.18
N ASN C 56 41.68 20.25 23.98
CA ASN C 56 42.17 18.89 24.18
C ASN C 56 42.44 18.77 25.67
N GLN C 57 42.69 19.92 26.29
CA GLN C 57 42.99 20.03 27.71
C GLN C 57 41.75 20.05 28.61
N LEU C 58 40.62 20.50 28.08
CA LEU C 58 39.39 20.58 28.86
C LEU C 58 38.49 19.35 28.77
N SER C 59 38.57 18.64 27.64
CA SER C 59 37.74 17.46 27.42
C SER C 59 38.35 16.16 27.92
N GLU C 60 39.66 16.18 28.18
CA GLU C 60 40.40 15.01 28.63
C GLU C 60 40.45 14.03 27.46
N HIS C 61 40.39 14.58 26.26
CA HIS C 61 40.44 13.82 25.01
C HIS C 61 41.17 14.65 23.96
N ILE C 62 41.58 14.00 22.87
CA ILE C 62 42.30 14.68 21.79
C ILE C 62 41.39 14.99 20.60
N LEU C 63 41.24 16.26 20.28
CA LEU C 63 40.40 16.69 19.16
C LEU C 63 41.14 16.66 17.82
N VAL C 64 42.46 16.74 17.89
CA VAL C 64 43.29 16.72 16.69
C VAL C 64 44.60 16.01 16.95
N GLU C 65 44.92 15.04 16.10
CA GLU C 65 46.18 14.30 16.22
C GLU C 65 47.17 14.91 15.24
N ARG C 66 48.25 15.48 15.76
CA ARG C 66 49.24 16.09 14.91
C ARG C 66 50.35 15.10 14.58
N GLY C 72 57.89 12.20 7.38
CA GLY C 72 57.61 13.11 8.49
C GLY C 72 56.12 13.37 8.65
N GLY C 73 55.54 14.09 7.70
CA GLY C 73 54.12 14.40 7.76
C GLY C 73 53.80 15.36 8.88
N GLY C 74 52.93 14.94 9.79
CA GLY C 74 52.57 15.79 10.91
C GLY C 74 51.48 16.79 10.59
N GLY C 75 50.71 16.53 9.53
CA GLY C 75 49.63 17.43 9.18
C GLY C 75 48.60 17.36 10.28
N ALA C 76 47.32 17.41 9.92
CA ALA C 76 46.30 17.35 10.96
C ALA C 76 44.88 17.10 10.49
N VAL C 77 44.25 16.13 11.14
CA VAL C 77 42.87 15.77 10.87
C VAL C 77 42.20 15.90 12.23
N LEU C 78 41.09 15.20 12.42
CA LEU C 78 40.40 15.28 13.68
C LEU C 78 40.29 13.89 14.28
N THR C 79 39.82 13.81 15.52
CA THR C 79 39.65 12.52 16.18
C THR C 79 38.17 12.21 16.15
N ARG C 80 37.82 10.96 16.44
CA ARG C 80 36.41 10.58 16.44
C ARG C 80 35.70 11.49 17.43
N TYR C 81 36.42 11.88 18.48
CA TYR C 81 35.87 12.75 19.51
C TYR C 81 35.68 14.15 18.96
N GLY C 82 36.68 14.63 18.22
CA GLY C 82 36.59 15.96 17.63
C GLY C 82 35.51 15.97 16.58
N GLN C 83 35.38 14.85 15.87
CA GLN C 83 34.37 14.71 14.82
C GLN C 83 32.96 14.62 15.38
N ARG C 84 32.83 14.33 16.66
CA ARG C 84 31.51 14.23 17.29
C ARG C 84 31.14 15.60 17.83
N LEU C 85 32.07 16.21 18.56
CA LEU C 85 31.87 17.53 19.12
C LEU C 85 31.49 18.51 18.02
N ILE C 86 31.99 18.23 16.81
CA ILE C 86 31.72 19.07 15.66
C ILE C 86 30.31 18.76 15.15
N GLN C 87 29.80 17.58 15.51
CA GLN C 87 28.46 17.16 15.12
C GLN C 87 27.46 17.62 16.17
N LEU C 88 27.71 17.23 17.42
CA LEU C 88 26.84 17.60 18.53
C LEU C 88 26.61 19.10 18.54
N TYR C 89 27.61 19.85 18.10
CA TYR C 89 27.50 21.31 18.06
C TYR C 89 26.54 21.77 16.98
N ASP C 90 26.78 21.35 15.74
CA ASP C 90 25.93 21.74 14.62
C ASP C 90 24.50 21.28 14.83
N LEU C 91 24.35 20.17 15.57
CA LEU C 91 23.05 19.60 15.87
C LEU C 91 22.34 20.47 16.90
N LEU C 92 23.04 20.72 18.00
CA LEU C 92 22.53 21.52 19.12
C LEU C 92 22.04 22.89 18.63
N ALA C 93 22.80 23.49 17.72
CA ALA C 93 22.52 24.79 17.13
C ALA C 93 21.22 24.80 16.36
N GLN C 94 20.82 23.63 15.85
CA GLN C 94 19.59 23.46 15.07
C GLN C 94 18.38 23.45 16.00
N ILE C 95 18.48 22.64 17.04
CA ILE C 95 17.44 22.48 18.03
C ILE C 95 17.02 23.85 18.58
N GLN C 96 18.01 24.65 18.94
CA GLN C 96 17.74 25.99 19.47
C GLN C 96 17.10 26.86 18.40
N GLN C 97 17.57 26.71 17.16
CA GLN C 97 17.05 27.49 16.05
C GLN C 97 15.57 27.17 15.86
N LYS C 98 15.24 25.88 15.93
CA LYS C 98 13.86 25.43 15.79
C LYS C 98 13.03 25.91 16.97
N ALA C 99 13.53 25.64 18.17
CA ALA C 99 12.86 26.02 19.41
C ALA C 99 12.52 27.50 19.37
N PHE C 100 13.52 28.31 19.05
CA PHE C 100 13.34 29.76 18.97
C PHE C 100 12.26 30.07 17.96
N ASP C 101 12.56 29.80 16.69
CA ASP C 101 11.62 30.06 15.60
C ASP C 101 10.18 29.69 15.96
N VAL C 102 9.98 28.44 16.35
CA VAL C 102 8.64 27.95 16.68
C VAL C 102 8.09 28.49 18.00
N LEU C 103 8.97 28.95 18.88
CA LEU C 103 8.54 29.48 20.18
C LEU C 103 8.42 30.99 20.18
N SER C 104 9.24 31.64 19.37
CA SER C 104 9.26 33.10 19.29
C SER C 104 7.93 33.83 19.51
N ASP C 105 6.96 33.65 18.62
CA ASP C 105 5.69 34.38 18.75
C ASP C 105 4.41 33.63 18.41
N ASP C 106 4.54 32.63 17.55
CA ASP C 106 3.43 31.85 17.02
C ASP C 106 2.22 31.45 17.88
N ASP C 107 2.33 31.52 19.20
CA ASP C 107 1.18 31.24 20.07
C ASP C 107 1.34 32.11 21.33
N ALA C 108 0.28 32.79 21.76
CA ALA C 108 0.44 33.69 22.90
C ALA C 108 0.62 32.98 24.23
N LEU C 109 1.88 33.01 24.64
CA LEU C 109 2.46 32.43 25.84
C LEU C 109 2.30 30.93 26.19
N PRO C 110 1.89 30.06 25.25
CA PRO C 110 1.83 28.70 25.78
C PRO C 110 3.26 28.19 25.66
N LEU C 111 4.11 28.80 26.48
CA LEU C 111 5.52 28.53 26.55
C LEU C 111 5.82 27.79 27.84
N ASN C 112 5.21 28.22 28.94
CA ASN C 112 5.45 27.53 30.21
C ASN C 112 4.76 26.17 30.02
N SER C 113 3.63 25.93 30.68
CA SER C 113 2.87 24.67 30.49
C SER C 113 3.97 23.69 30.18
N LEU C 114 5.00 23.65 31.02
CA LEU C 114 6.15 22.91 30.56
C LEU C 114 6.26 21.43 30.30
N LEU C 115 5.47 21.03 29.29
CA LEU C 115 5.63 19.78 28.56
C LEU C 115 4.77 20.15 27.35
N ALA C 116 5.02 21.28 26.73
CA ALA C 116 4.21 21.71 25.60
C ALA C 116 5.15 22.58 24.85
N ALA C 117 5.90 23.31 25.66
CA ALA C 117 6.91 24.21 25.20
C ALA C 117 7.74 23.31 24.30
N ILE C 118 8.11 22.16 24.84
CA ILE C 118 8.92 21.19 24.12
C ILE C 118 8.16 20.34 23.10
N SER C 119 6.87 20.08 23.34
CA SER C 119 6.09 19.27 22.40
C SER C 119 5.89 20.01 21.09
N ARG C 120 5.97 21.34 21.14
CA ARG C 120 5.78 22.17 19.97
C ARG C 120 6.85 22.13 18.89
N PHE C 121 8.12 22.12 19.30
CA PHE C 121 9.20 22.10 18.33
C PHE C 121 9.79 20.71 18.11
N SER C 122 9.71 19.85 19.14
CA SER C 122 10.25 18.51 19.01
C SER C 122 9.33 17.64 18.16
N LEU C 123 9.54 16.33 18.19
CA LEU C 123 8.75 15.41 17.39
C LEU C 123 7.25 15.62 17.39
N GLN C 124 6.68 15.52 16.20
CA GLN C 124 5.25 15.66 15.97
C GLN C 124 4.66 14.29 15.71
N THR C 125 3.46 14.04 16.22
CA THR C 125 2.81 12.76 16.03
C THR C 125 1.51 12.90 15.25
N SER C 126 1.07 11.80 14.63
CA SER C 126 -0.14 11.80 13.83
C SER C 126 -1.45 11.70 14.63
N ALA C 127 -1.35 11.50 15.93
CA ALA C 127 -2.54 11.38 16.76
C ALA C 127 -3.34 12.68 16.61
N ARG C 128 -4.59 12.57 16.16
CA ARG C 128 -5.43 13.75 15.99
C ARG C 128 -5.94 14.28 17.32
N ASN C 129 -5.82 13.46 18.35
CA ASN C 129 -6.26 13.86 19.68
C ASN C 129 -5.09 13.82 20.66
N GLN C 130 -4.67 15.01 21.07
CA GLN C 130 -3.54 15.16 21.98
C GLN C 130 -3.87 16.21 23.05
N TRP C 131 -4.17 15.74 24.26
CA TRP C 131 -4.52 16.62 25.36
C TRP C 131 -3.52 16.50 26.50
N PHE C 132 -3.16 17.65 27.08
CA PHE C 132 -2.22 17.68 28.19
C PHE C 132 -2.96 17.37 29.47
N GLY C 133 -2.37 16.53 30.32
CA GLY C 133 -3.00 16.18 31.57
C GLY C 133 -1.98 15.94 32.67
N THR C 134 -2.48 15.54 33.83
CA THR C 134 -1.62 15.25 34.98
C THR C 134 -2.04 13.91 35.57
N ILE C 135 -1.05 13.09 35.91
CA ILE C 135 -1.31 11.78 36.50
C ILE C 135 -1.75 11.96 37.95
N THR C 136 -2.91 11.39 38.29
CA THR C 136 -3.42 11.49 39.64
C THR C 136 -3.27 10.18 40.40
N ALA C 137 -3.09 9.08 39.67
CA ALA C 137 -2.94 7.76 40.29
C ALA C 137 -2.18 6.78 39.41
N ARG C 138 -1.99 5.57 39.93
CA ARG C 138 -1.28 4.51 39.22
C ARG C 138 -1.20 3.27 40.13
N ASP C 139 -1.64 2.12 39.62
CA ASP C 139 -1.59 0.90 40.42
C ASP C 139 -0.21 0.27 40.33
N HIS C 140 -0.02 -0.86 41.00
CA HIS C 140 1.26 -1.53 41.00
C HIS C 140 1.16 -2.93 40.40
N ASP C 141 0.35 -3.04 39.36
CA ASP C 141 0.16 -4.31 38.66
C ASP C 141 1.52 -4.70 38.10
N ASP C 142 1.82 -6.00 38.10
CA ASP C 142 3.10 -6.47 37.58
C ASP C 142 3.20 -6.40 36.05
N VAL C 143 2.15 -6.83 35.34
CA VAL C 143 2.17 -6.82 33.88
C VAL C 143 1.72 -5.49 33.27
N GLN C 144 0.43 -5.22 33.32
CA GLN C 144 -0.13 -3.98 32.76
C GLN C 144 -0.78 -3.11 33.83
N GLN C 145 -0.24 -1.91 34.00
CA GLN C 145 -0.75 -0.97 35.00
C GLN C 145 -1.77 0.00 34.41
N HIS C 146 -2.43 0.73 35.31
CA HIS C 146 -3.43 1.72 34.91
C HIS C 146 -3.18 3.04 35.60
N VAL C 147 -3.13 4.10 34.81
CA VAL C 147 -2.92 5.45 35.34
C VAL C 147 -4.17 6.27 35.12
N ASP C 148 -4.44 7.17 36.06
CA ASP C 148 -5.60 8.06 35.98
C ASP C 148 -5.10 9.44 35.64
N VAL C 149 -5.71 10.07 34.64
CA VAL C 149 -5.30 11.40 34.24
C VAL C 149 -6.42 12.42 34.41
N LEU C 150 -6.03 13.64 34.75
CA LEU C 150 -6.99 14.72 34.92
C LEU C 150 -6.60 15.72 33.84
N LEU C 151 -7.42 15.82 32.80
CA LEU C 151 -7.11 16.73 31.70
C LEU C 151 -6.95 18.17 32.14
N ALA C 152 -6.30 18.96 31.29
CA ALA C 152 -6.05 20.38 31.57
C ALA C 152 -7.27 21.09 32.13
N ASP C 153 -8.45 20.63 31.74
CA ASP C 153 -9.69 21.25 32.22
C ASP C 153 -9.88 20.97 33.70
N GLY C 154 -9.11 20.01 34.22
CA GLY C 154 -9.17 19.65 35.62
C GLY C 154 -10.49 19.04 36.06
N LYS C 155 -11.25 18.52 35.09
CA LYS C 155 -12.53 17.91 35.39
C LYS C 155 -12.64 16.53 34.76
N THR C 156 -12.60 16.47 33.43
CA THR C 156 -12.69 15.19 32.74
C THR C 156 -11.45 14.37 32.99
N ARG C 157 -11.63 13.22 33.64
CA ARG C 157 -10.51 12.34 33.95
C ARG C 157 -10.44 11.23 32.91
N LEU C 158 -9.22 10.75 32.66
CA LEU C 158 -9.02 9.67 31.70
C LEU C 158 -8.30 8.53 32.40
N LYS C 159 -8.47 7.32 31.88
CA LYS C 159 -7.84 6.14 32.46
C LYS C 159 -7.04 5.45 31.36
N VAL C 160 -5.74 5.30 31.57
CA VAL C 160 -4.88 4.67 30.58
C VAL C 160 -4.21 3.41 31.08
N ALA C 161 -3.86 2.52 30.16
CA ALA C 161 -3.20 1.26 30.50
C ALA C 161 -1.83 1.22 29.82
N ILE C 162 -0.80 0.95 30.61
CA ILE C 162 0.56 0.88 30.08
C ILE C 162 1.29 -0.31 30.69
N THR C 163 2.34 -0.76 30.02
CA THR C 163 3.12 -1.89 30.53
C THR C 163 3.87 -1.37 31.76
N ALA C 164 4.11 -2.25 32.71
CA ALA C 164 4.81 -1.89 33.94
C ALA C 164 6.15 -1.21 33.67
N GLN C 165 6.84 -1.66 32.62
CA GLN C 165 8.13 -1.08 32.24
C GLN C 165 7.94 0.41 31.99
N SER C 166 6.98 0.72 31.11
CA SER C 166 6.68 2.10 30.74
C SER C 166 6.17 2.93 31.91
N GLY C 167 5.51 2.30 32.85
CA GLY C 167 5.02 3.03 34.00
C GLY C 167 6.17 3.58 34.82
N ALA C 168 7.17 2.74 35.03
CA ALA C 168 8.36 3.11 35.81
C ALA C 168 9.36 3.91 34.98
N ARG C 169 9.50 3.52 33.71
CA ARG C 169 10.42 4.18 32.79
C ARG C 169 10.14 5.67 32.61
N LEU C 170 8.87 6.05 32.74
CA LEU C 170 8.48 7.44 32.57
C LEU C 170 8.10 8.14 33.87
N GLY C 171 8.30 7.46 35.00
CA GLY C 171 7.98 8.05 36.28
C GLY C 171 6.58 8.63 36.27
N LEU C 172 5.61 7.77 35.95
CA LEU C 172 4.21 8.19 35.89
C LEU C 172 3.51 8.07 37.24
N ASP C 173 3.80 9.01 38.14
CA ASP C 173 3.19 9.02 39.46
C ASP C 173 2.42 10.33 39.64
N GLU C 174 1.62 10.40 40.70
CA GLU C 174 0.82 11.59 40.98
C GLU C 174 1.58 12.88 40.68
N GLY C 175 0.89 13.84 40.07
CA GLY C 175 1.50 15.12 39.75
C GLY C 175 2.29 15.18 38.47
N LYS C 176 2.63 14.04 37.90
CA LYS C 176 3.41 14.02 36.66
C LYS C 176 2.61 14.51 35.45
N GLU C 177 3.11 15.57 34.83
CA GLU C 177 2.51 16.19 33.65
C GLU C 177 2.76 15.35 32.40
N VAL C 178 1.67 14.90 31.77
CA VAL C 178 1.76 14.09 30.57
C VAL C 178 0.96 14.66 29.41
N LEU C 179 1.20 14.13 28.21
CA LEU C 179 0.48 14.54 27.02
C LEU C 179 -0.23 13.27 26.57
N ILE C 180 -1.54 13.36 26.38
CA ILE C 180 -2.32 12.20 25.95
C ILE C 180 -2.42 12.09 24.45
N LEU C 181 -1.98 10.96 23.91
CA LEU C 181 -2.04 10.72 22.48
C LEU C 181 -3.14 9.72 22.18
N LEU C 182 -4.11 10.14 21.39
CA LEU C 182 -5.22 9.26 21.03
C LEU C 182 -5.52 9.37 19.53
N LYS C 183 -5.12 8.35 18.78
CA LYS C 183 -5.33 8.32 17.34
C LYS C 183 -6.83 8.23 17.06
N ALA C 184 -7.25 8.80 15.93
CA ALA C 184 -8.64 8.84 15.53
C ALA C 184 -9.40 7.51 15.43
N PRO C 185 -8.80 6.50 14.78
CA PRO C 185 -9.45 5.18 14.62
C PRO C 185 -9.84 4.43 15.90
N TRP C 186 -9.26 4.82 17.03
CA TRP C 186 -9.53 4.14 18.30
C TRP C 186 -10.64 4.79 19.11
N VAL C 187 -11.24 5.81 18.52
CA VAL C 187 -12.33 6.53 19.16
C VAL C 187 -13.61 6.26 18.40
N GLY C 188 -14.63 5.83 19.11
CA GLY C 188 -15.91 5.56 18.50
C GLY C 188 -16.85 6.66 18.95
N ILE C 189 -18.02 6.75 18.33
CA ILE C 189 -18.98 7.77 18.70
C ILE C 189 -20.37 7.17 18.66
N THR C 190 -21.03 7.16 19.81
CA THR C 190 -22.35 6.56 19.91
C THR C 190 -23.40 7.43 20.59
N GLN C 191 -24.64 6.94 20.59
CA GLN C 191 -25.78 7.60 21.21
C GLN C 191 -26.49 6.56 22.06
N ASP C 192 -26.07 5.31 21.87
CA ASP C 192 -26.62 4.19 22.63
C ASP C 192 -25.73 4.15 23.87
N GLU C 193 -26.25 4.70 24.96
CA GLU C 193 -25.48 4.76 26.20
C GLU C 193 -24.99 3.43 26.75
N ALA C 194 -25.54 2.33 26.25
CA ALA C 194 -25.11 1.01 26.70
C ALA C 194 -23.79 0.65 26.04
N VAL C 195 -23.31 1.53 25.16
CA VAL C 195 -22.04 1.32 24.47
C VAL C 195 -21.00 2.20 25.15
N ALA C 196 -21.49 3.30 25.74
CA ALA C 196 -20.62 4.23 26.47
C ALA C 196 -20.45 3.70 27.88
N GLN C 197 -21.56 3.66 28.63
CA GLN C 197 -21.55 3.16 30.01
C GLN C 197 -20.85 1.80 30.05
N ASN C 198 -20.81 1.16 28.88
CA ASN C 198 -20.18 -0.15 28.70
C ASN C 198 -18.66 -0.11 28.76
N ALA C 199 -18.07 0.82 28.03
CA ALA C 199 -16.61 0.91 27.94
C ALA C 199 -15.89 1.96 28.78
N ASP C 200 -14.61 1.66 28.99
CA ASP C 200 -13.65 2.47 29.74
C ASP C 200 -13.85 3.98 29.74
N ASN C 201 -13.37 4.64 28.69
CA ASN C 201 -13.47 6.09 28.55
C ASN C 201 -14.67 6.53 27.73
N GLN C 202 -15.30 7.62 28.16
CA GLN C 202 -16.45 8.15 27.45
C GLN C 202 -16.42 9.68 27.56
N LEU C 203 -16.73 10.36 26.47
CA LEU C 203 -16.71 11.81 26.46
C LEU C 203 -17.89 12.41 25.70
N PRO C 204 -18.82 13.05 26.42
CA PRO C 204 -19.99 13.66 25.77
C PRO C 204 -19.62 14.88 24.96
N GLY C 205 -20.27 15.05 23.82
CA GLY C 205 -20.00 16.19 22.96
C GLY C 205 -21.13 16.39 21.97
N ILE C 206 -20.84 17.13 20.90
CA ILE C 206 -21.83 17.41 19.86
C ILE C 206 -21.11 17.47 18.52
N ILE C 207 -21.48 16.59 17.60
CA ILE C 207 -20.86 16.55 16.28
C ILE C 207 -20.90 17.91 15.60
N SER C 208 -19.74 18.38 15.16
CA SER C 208 -19.65 19.68 14.50
C SER C 208 -19.46 19.52 13.00
N HIS C 209 -18.94 18.36 12.59
CA HIS C 209 -18.73 18.09 11.18
C HIS C 209 -18.55 16.59 10.92
N ILE C 210 -18.88 16.18 9.70
CA ILE C 210 -18.77 14.78 9.31
C ILE C 210 -18.32 14.66 7.87
N GLU C 211 -17.11 14.17 7.65
CA GLU C 211 -16.65 14.00 6.28
C GLU C 211 -16.88 12.54 5.89
N ARG C 212 -17.61 12.35 4.80
CA ARG C 212 -17.94 11.03 4.31
C ARG C 212 -16.92 10.57 3.28
N GLY C 213 -16.57 9.29 3.33
CA GLY C 213 -15.63 8.75 2.38
C GLY C 213 -16.16 7.44 1.83
N ALA C 214 -15.40 6.81 0.95
CA ALA C 214 -15.84 5.55 0.37
C ALA C 214 -15.92 4.48 1.44
N GLU C 215 -14.98 4.55 2.38
CA GLU C 215 -14.88 3.60 3.48
C GLU C 215 -14.83 4.28 4.83
N GLN C 216 -13.99 5.32 4.95
CA GLN C 216 -13.84 6.03 6.20
C GLN C 216 -14.64 7.33 6.30
N CYS C 217 -15.13 7.60 7.50
CA CYS C 217 -15.90 8.79 7.79
C CYS C 217 -15.21 9.55 8.93
N GLU C 218 -14.88 10.82 8.70
CA GLU C 218 -14.22 11.58 9.74
C GLU C 218 -15.22 12.44 10.50
N VAL C 219 -15.39 12.14 11.78
CA VAL C 219 -16.33 12.86 12.62
C VAL C 219 -15.60 13.80 13.57
N LEU C 220 -16.01 15.06 13.55
CA LEU C 220 -15.42 16.08 14.41
C LEU C 220 -16.45 16.47 15.47
N MET C 221 -16.14 16.14 16.71
CA MET C 221 -17.03 16.45 17.82
C MET C 221 -16.42 17.58 18.65
N ALA C 222 -17.24 18.58 18.97
CA ALA C 222 -16.79 19.71 19.75
C ALA C 222 -16.91 19.40 21.24
N LEU C 223 -15.79 19.40 21.94
CA LEU C 223 -15.77 19.12 23.38
C LEU C 223 -16.17 20.35 24.19
N PRO C 224 -16.43 20.16 25.49
CA PRO C 224 -16.81 21.27 26.38
C PRO C 224 -15.59 22.15 26.70
N ASP C 225 -14.40 21.60 26.50
CA ASP C 225 -13.17 22.33 26.75
C ASP C 225 -12.98 23.34 25.63
N GLY C 226 -14.01 23.45 24.78
CA GLY C 226 -13.94 24.36 23.66
C GLY C 226 -13.09 23.71 22.60
N GLN C 227 -12.39 22.64 22.99
CA GLN C 227 -11.51 21.92 22.07
C GLN C 227 -12.26 20.82 21.31
N THR C 228 -11.78 20.54 20.09
CA THR C 228 -12.39 19.55 19.22
C THR C 228 -11.77 18.15 19.32
N LEU C 229 -12.60 17.14 19.11
CA LEU C 229 -12.17 15.76 19.15
C LEU C 229 -12.31 15.22 17.73
N CYS C 230 -11.40 14.34 17.32
CA CYS C 230 -11.47 13.78 15.99
C CYS C 230 -11.49 12.26 16.03
N ALA C 231 -12.41 11.68 15.27
CA ALA C 231 -12.53 10.24 15.21
C ALA C 231 -12.71 9.78 13.77
N THR C 232 -12.05 8.68 13.44
CA THR C 232 -12.17 8.12 12.10
C THR C 232 -13.08 6.92 12.27
N VAL C 233 -14.27 6.99 11.69
CA VAL C 233 -15.22 5.92 11.82
C VAL C 233 -15.68 5.38 10.47
N PRO C 234 -15.59 4.06 10.28
CA PRO C 234 -16.02 3.48 9.00
C PRO C 234 -17.39 4.07 8.66
N VAL C 235 -17.59 4.42 7.40
CA VAL C 235 -18.85 5.03 6.97
C VAL C 235 -20.09 4.27 7.45
N ASN C 236 -20.01 2.95 7.49
CA ASN C 236 -21.16 2.13 7.90
C ASN C 236 -21.55 2.33 9.37
N GLU C 237 -20.60 2.73 10.20
CA GLU C 237 -20.86 2.94 11.61
C GLU C 237 -21.00 4.44 11.92
N ALA C 238 -21.56 5.18 10.97
CA ALA C 238 -21.75 6.62 11.12
C ALA C 238 -22.91 7.09 10.25
N THR C 239 -23.80 6.16 9.91
CA THR C 239 -24.94 6.46 9.05
C THR C 239 -26.00 7.35 9.70
N SER C 240 -26.22 7.19 11.01
CA SER C 240 -27.23 8.00 11.71
C SER C 240 -26.66 9.30 12.24
N LEU C 241 -25.34 9.46 12.17
CA LEU C 241 -24.69 10.67 12.67
C LEU C 241 -25.07 11.91 11.89
N GLN C 242 -25.33 12.98 12.62
CA GLN C 242 -25.71 14.26 12.05
C GLN C 242 -24.94 15.36 12.75
N GLN C 243 -24.58 16.38 11.99
CA GLN C 243 -23.86 17.52 12.53
C GLN C 243 -24.77 18.19 13.56
N GLY C 244 -24.23 18.45 14.75
CA GLY C 244 -24.99 19.09 15.80
C GLY C 244 -25.68 18.16 16.78
N GLN C 245 -25.49 16.86 16.58
CA GLN C 245 -26.11 15.83 17.41
C GLN C 245 -25.36 15.63 18.73
N ASN C 246 -26.09 15.41 19.82
CA ASN C 246 -25.46 15.18 21.12
C ASN C 246 -24.99 13.75 21.21
N VAL C 247 -23.67 13.56 21.11
CA VAL C 247 -23.10 12.23 21.17
C VAL C 247 -22.07 12.05 22.27
N THR C 248 -21.64 10.81 22.44
CA THR C 248 -20.64 10.45 23.44
C THR C 248 -19.50 9.74 22.73
N ALA C 249 -18.32 10.35 22.74
CA ALA C 249 -17.14 9.75 22.13
C ALA C 249 -16.60 8.76 23.15
N TYR C 250 -16.13 7.60 22.69
CA TYR C 250 -15.61 6.62 23.62
C TYR C 250 -14.41 5.83 23.09
N PHE C 251 -13.55 5.45 24.02
CA PHE C 251 -12.36 4.67 23.71
C PHE C 251 -11.98 3.89 24.97
N ASN C 252 -11.10 2.92 24.81
CA ASN C 252 -10.65 2.11 25.94
C ASN C 252 -9.33 2.60 26.51
N ALA C 253 -8.94 2.06 27.65
CA ALA C 253 -7.71 2.45 28.33
C ALA C 253 -6.43 2.03 27.63
N ASP C 254 -6.47 0.89 26.95
CA ASP C 254 -5.28 0.38 26.27
C ASP C 254 -5.10 0.91 24.84
N SER C 255 -5.85 1.96 24.49
CA SER C 255 -5.75 2.53 23.15
C SER C 255 -5.20 3.96 23.19
N VAL C 256 -4.54 4.29 24.30
CA VAL C 256 -3.98 5.63 24.46
C VAL C 256 -2.50 5.55 24.85
N ILE C 257 -1.67 6.36 24.20
CA ILE C 257 -0.26 6.39 24.53
C ILE C 257 -0.03 7.67 25.32
N ILE C 258 0.90 7.61 26.26
CA ILE C 258 1.19 8.76 27.09
C ILE C 258 2.54 9.39 26.76
N ALA C 259 2.52 10.68 26.52
CA ALA C 259 3.75 11.41 26.24
C ALA C 259 4.14 11.97 27.60
N THR C 260 5.37 12.42 27.72
CA THR C 260 5.87 12.98 28.97
C THR C 260 7.33 13.34 28.71
N LEU C 261 7.97 14.03 29.65
CA LEU C 261 9.36 14.41 29.46
C LEU C 261 10.34 13.34 29.93
N GLN D 2 31.14 19.05 36.08
CA GLN D 2 30.59 19.15 34.70
C GLN D 2 30.85 20.54 34.13
N ALA D 3 30.06 20.94 33.14
CA ALA D 3 30.20 22.24 32.50
C ALA D 3 29.14 22.37 31.40
N GLU D 4 28.66 23.58 31.13
CA GLU D 4 27.62 23.73 30.12
C GLU D 4 27.64 24.92 29.15
N ILE D 5 26.49 25.08 28.49
CA ILE D 5 26.23 26.08 27.46
C ILE D 5 25.97 27.53 27.86
N LEU D 6 25.89 28.39 26.84
CA LEU D 6 25.63 29.83 26.97
C LEU D 6 25.13 30.37 25.62
N LEU D 7 23.84 30.72 25.58
CA LEU D 7 23.19 31.22 24.37
C LEU D 7 23.35 32.71 24.08
N THR D 8 23.45 33.03 22.79
CA THR D 8 23.59 34.41 22.33
C THR D 8 22.74 34.70 21.10
N LEU D 9 21.88 35.71 21.20
CA LEU D 9 21.03 36.09 20.08
C LEU D 9 21.60 37.32 19.40
N LYS D 10 21.56 37.32 18.07
CA LYS D 10 22.05 38.45 17.28
C LYS D 10 20.93 38.90 16.36
N LEU D 11 20.16 39.88 16.81
CA LEU D 11 19.05 40.38 16.01
C LEU D 11 19.57 41.37 14.98
N GLN D 12 19.26 41.11 13.71
CA GLN D 12 19.68 41.97 12.62
C GLN D 12 21.20 42.05 12.49
N GLN D 13 21.79 40.87 12.37
CA GLN D 13 23.22 40.59 12.20
C GLN D 13 24.29 41.14 13.13
N LYS D 14 23.98 41.51 14.37
CA LYS D 14 25.09 41.95 15.23
C LYS D 14 25.17 41.46 16.67
N LEU D 15 24.28 41.97 17.50
CA LEU D 15 24.25 41.61 18.92
C LEU D 15 22.98 42.18 19.55
N PHE D 16 22.32 41.35 20.35
CA PHE D 16 21.07 41.75 20.97
C PHE D 16 20.85 41.13 22.35
N ALA D 17 20.91 39.81 22.44
CA ALA D 17 20.67 39.12 23.71
C ALA D 17 21.86 38.31 24.23
N ASP D 18 22.38 38.73 25.38
CA ASP D 18 23.52 38.08 26.03
C ASP D 18 23.11 37.49 27.37
N PRO D 19 23.92 36.58 27.91
CA PRO D 19 23.55 36.01 29.21
C PRO D 19 23.49 37.17 30.18
N ARG D 20 24.36 38.17 29.94
CA ARG D 20 24.43 39.35 30.77
C ARG D 20 23.28 40.30 30.50
N ARG D 21 23.03 40.61 29.24
CA ARG D 21 21.96 41.52 28.88
C ARG D 21 20.62 41.02 29.41
N ILE D 22 20.49 39.71 29.56
CA ILE D 22 19.28 39.13 30.09
C ILE D 22 19.23 39.45 31.59
N SER D 23 20.37 39.29 32.25
CA SER D 23 20.44 39.57 33.68
C SER D 23 20.26 41.06 33.90
N LEU D 24 20.85 41.88 33.03
CA LEU D 24 20.71 43.32 33.12
C LEU D 24 19.23 43.64 33.12
N LEU D 25 18.48 42.90 32.30
CA LEU D 25 17.04 43.08 32.19
C LEU D 25 16.33 42.56 33.43
N LYS D 26 16.63 41.32 33.82
CA LYS D 26 16.00 40.72 34.99
C LYS D 26 16.22 41.62 36.21
N HIS D 27 17.46 42.05 36.40
CA HIS D 27 17.83 42.90 37.53
C HIS D 27 17.20 44.29 37.45
N ILE D 28 17.28 44.93 36.29
CA ILE D 28 16.71 46.27 36.13
C ILE D 28 15.20 46.22 36.43
N ALA D 29 14.65 45.01 36.44
CA ALA D 29 13.23 44.82 36.72
C ALA D 29 13.01 44.72 38.22
N LEU D 30 14.07 44.37 38.94
CA LEU D 30 14.02 44.21 40.38
C LEU D 30 14.49 45.45 41.12
N SER D 31 15.45 46.16 40.54
CA SER D 31 15.98 47.38 41.15
C SER D 31 15.21 48.59 40.60
N GLY D 32 14.57 48.40 39.44
CA GLY D 32 13.80 49.45 38.82
C GLY D 32 14.60 50.65 38.35
N SER D 33 15.82 50.79 38.86
CA SER D 33 16.66 51.92 38.48
C SER D 33 17.41 51.63 37.20
N ILE D 34 17.83 52.71 36.54
CA ILE D 34 18.58 52.60 35.29
C ILE D 34 20.04 52.26 35.58
N SER D 35 20.43 52.36 36.84
CA SER D 35 21.81 52.10 37.24
C SER D 35 22.01 50.97 38.25
N GLN D 36 21.05 50.76 39.14
CA GLN D 36 21.17 49.70 40.15
C GLN D 36 21.11 48.32 39.49
N GLY D 37 20.48 48.25 38.32
CA GLY D 37 20.38 46.98 37.61
C GLY D 37 21.70 46.70 36.94
N ALA D 38 22.32 47.77 36.43
CA ALA D 38 23.61 47.69 35.77
C ALA D 38 24.63 47.28 36.82
N LYS D 39 24.40 47.78 38.03
CA LYS D 39 25.28 47.52 39.16
C LYS D 39 25.10 46.12 39.71
N ASP D 40 23.91 45.85 40.23
CA ASP D 40 23.59 44.56 40.79
C ASP D 40 23.88 43.38 39.86
N ALA D 41 24.47 43.67 38.70
CA ALA D 41 24.82 42.62 37.73
C ALA D 41 26.15 42.80 36.97
N GLY D 42 27.16 43.37 37.61
CA GLY D 42 28.47 43.55 36.99
C GLY D 42 28.61 44.40 35.73
N ILE D 43 28.07 45.61 35.73
CA ILE D 43 28.18 46.48 34.56
C ILE D 43 28.34 47.95 34.91
N SER D 44 28.95 48.70 33.99
CA SER D 44 29.14 50.12 34.16
C SER D 44 27.88 50.70 33.52
N TYR D 45 27.22 51.63 34.21
CA TYR D 45 26.00 52.25 33.71
C TYR D 45 26.12 52.69 32.24
N LYS D 46 27.32 52.59 31.70
CA LYS D 46 27.58 52.92 30.30
C LYS D 46 27.14 51.73 29.44
N SER D 47 27.74 50.57 29.69
CA SER D 47 27.39 49.37 28.96
C SER D 47 25.95 49.04 29.31
N ALA D 48 25.51 49.60 30.44
CA ALA D 48 24.16 49.39 30.93
C ALA D 48 23.22 50.50 30.47
N TRP D 49 23.53 51.05 29.30
CA TRP D 49 22.74 52.10 28.69
C TRP D 49 23.01 51.96 27.20
N ASP D 50 24.23 51.57 26.88
CA ASP D 50 24.64 51.36 25.50
C ASP D 50 24.14 49.98 25.05
N ALA D 51 23.84 49.13 26.02
CA ALA D 51 23.34 47.79 25.72
C ALA D 51 21.84 47.84 25.59
N ILE D 52 21.21 48.63 26.45
CA ILE D 52 19.75 48.75 26.46
C ILE D 52 19.17 49.61 25.32
N ASN D 53 19.65 50.84 25.17
CA ASN D 53 19.12 51.69 24.11
C ASN D 53 19.35 51.08 22.73
N GLU D 54 20.35 50.20 22.62
CA GLU D 54 20.62 49.56 21.33
C GLU D 54 19.75 48.30 21.26
N MET D 55 19.52 47.68 22.43
CA MET D 55 18.67 46.51 22.50
C MET D 55 17.25 46.95 22.17
N ASN D 56 16.97 48.23 22.45
CA ASN D 56 15.67 48.82 22.16
C ASN D 56 15.59 49.06 20.67
N GLN D 57 16.44 49.96 20.19
CA GLN D 57 16.51 50.33 18.78
C GLN D 57 16.58 49.13 17.84
N LEU D 58 17.15 48.03 18.32
CA LEU D 58 17.27 46.83 17.50
C LEU D 58 16.01 45.96 17.53
N SER D 59 15.42 45.85 18.71
CA SER D 59 14.22 45.05 18.89
C SER D 59 12.98 45.75 18.33
N GLU D 60 12.08 44.99 17.72
CA GLU D 60 10.86 45.56 17.17
C GLU D 60 10.06 46.21 18.29
N HIS D 61 9.79 45.44 19.33
CA HIS D 61 9.05 45.93 20.48
C HIS D 61 10.03 46.45 21.52
N ILE D 62 9.75 47.62 22.07
CA ILE D 62 10.61 48.21 23.07
C ILE D 62 10.59 47.34 24.33
N LEU D 63 11.76 47.13 24.94
CA LEU D 63 11.87 46.29 26.13
C LEU D 63 12.04 47.10 27.41
N VAL D 64 12.69 48.25 27.30
CA VAL D 64 12.92 49.11 28.46
C VAL D 64 12.22 50.46 28.29
N GLU D 65 11.44 50.84 29.30
CA GLU D 65 10.68 52.08 29.28
C GLU D 65 11.21 53.08 30.32
N ARG D 66 10.42 54.10 30.60
CA ARG D 66 10.78 55.13 31.58
C ARG D 66 9.92 54.86 32.83
N ALA D 67 9.38 55.93 33.42
CA ALA D 67 8.54 55.79 34.61
C ALA D 67 7.08 55.97 34.26
N GLY D 75 11.83 57.00 36.21
CA GLY D 75 12.66 55.85 36.47
C GLY D 75 12.79 54.93 35.28
N ALA D 76 13.07 53.65 35.55
CA ALA D 76 13.22 52.66 34.48
C ALA D 76 12.32 51.46 34.73
N VAL D 77 11.55 51.08 33.71
CA VAL D 77 10.65 49.93 33.82
C VAL D 77 10.71 49.08 32.56
N LEU D 78 10.25 47.84 32.66
CA LEU D 78 10.24 46.93 31.51
C LEU D 78 8.90 46.97 30.78
N THR D 79 8.69 46.00 29.90
CA THR D 79 7.46 45.92 29.13
C THR D 79 6.97 44.48 28.99
N ARG D 80 5.83 44.31 28.34
CA ARG D 80 5.28 42.98 28.14
C ARG D 80 6.17 42.26 27.14
N TYR D 81 6.74 43.03 26.23
CA TYR D 81 7.62 42.50 25.21
C TYR D 81 9.02 42.26 25.77
N GLY D 82 9.33 42.94 26.87
CA GLY D 82 10.63 42.79 27.48
C GLY D 82 10.69 41.67 28.50
N GLN D 83 9.51 41.21 28.94
CA GLN D 83 9.43 40.13 29.92
C GLN D 83 9.29 38.77 29.26
N ARG D 84 8.82 38.78 28.02
CA ARG D 84 8.65 37.54 27.27
C ARG D 84 9.98 37.11 26.70
N LEU D 85 10.90 38.06 26.54
CA LEU D 85 12.23 37.76 26.03
C LEU D 85 12.93 36.94 27.09
N ILE D 86 12.96 37.48 28.30
CA ILE D 86 13.58 36.82 29.44
C ILE D 86 12.92 35.47 29.65
N GLN D 87 11.59 35.48 29.63
CA GLN D 87 10.81 34.27 29.82
C GLN D 87 11.24 33.27 28.75
N LEU D 88 11.30 33.73 27.51
CA LEU D 88 11.71 32.89 26.38
C LEU D 88 13.17 32.48 26.49
N TYR D 89 14.07 33.47 26.44
CA TYR D 89 15.49 33.22 26.53
C TYR D 89 15.78 32.10 27.52
N ASP D 90 15.19 32.20 28.70
CA ASP D 90 15.36 31.20 29.74
C ASP D 90 14.80 29.84 29.33
N LEU D 91 13.67 29.84 28.62
CA LEU D 91 13.11 28.57 28.18
C LEU D 91 14.13 27.90 27.29
N LEU D 92 14.63 28.66 26.31
CA LEU D 92 15.63 28.17 25.38
C LEU D 92 16.87 27.77 26.16
N ALA D 93 17.08 28.45 27.29
CA ALA D 93 18.21 28.15 28.14
C ALA D 93 17.93 26.78 28.76
N GLN D 94 16.66 26.57 29.13
CA GLN D 94 16.25 25.29 29.70
C GLN D 94 16.46 24.24 28.62
N ILE D 95 15.81 24.44 27.49
CA ILE D 95 15.91 23.52 26.36
C ILE D 95 17.34 22.98 26.16
N GLN D 96 18.22 23.80 25.59
CA GLN D 96 19.59 23.37 25.32
C GLN D 96 20.29 22.65 26.46
N GLN D 97 19.98 23.02 27.69
CA GLN D 97 20.60 22.36 28.84
C GLN D 97 20.23 20.89 28.75
N LYS D 98 18.93 20.62 28.68
CA LYS D 98 18.43 19.26 28.57
C LYS D 98 18.96 18.63 27.29
N ALA D 99 18.70 19.30 26.18
CA ALA D 99 19.17 18.81 24.90
C ALA D 99 20.66 18.45 24.97
N PHE D 100 21.44 19.18 25.76
CA PHE D 100 22.88 18.89 25.87
C PHE D 100 23.22 17.78 26.86
N ASP D 101 22.68 17.87 28.08
CA ASP D 101 22.92 16.84 29.09
C ASP D 101 22.73 15.51 28.41
N VAL D 102 21.64 15.41 27.64
CA VAL D 102 21.33 14.23 26.88
C VAL D 102 22.09 14.48 25.57
N LEU D 103 22.36 13.43 24.81
CA LEU D 103 23.08 13.56 23.54
C LEU D 103 24.58 13.86 23.66
N SER D 104 25.17 13.68 24.84
CA SER D 104 26.59 13.96 25.01
C SER D 104 27.24 13.05 26.04
N ASP D 105 26.39 12.29 26.72
CA ASP D 105 26.79 11.37 27.78
C ASP D 105 27.66 10.18 27.37
N ASP D 106 26.95 9.09 27.11
CA ASP D 106 27.43 7.77 26.72
C ASP D 106 27.69 7.73 25.24
N ASP D 107 28.35 6.66 24.80
CA ASP D 107 28.62 6.46 23.40
C ASP D 107 27.32 6.16 22.63
N ALA D 108 26.26 6.91 22.92
CA ALA D 108 24.98 6.75 22.22
C ALA D 108 25.27 6.94 20.74
N LEU D 109 24.51 6.25 19.89
CA LEU D 109 24.71 6.33 18.44
C LEU D 109 24.58 7.71 17.79
N PRO D 110 23.34 8.21 17.59
CA PRO D 110 22.97 9.49 16.99
C PRO D 110 24.00 10.44 16.39
N LEU D 111 23.71 11.73 16.52
CA LEU D 111 24.55 12.80 15.98
C LEU D 111 24.31 12.82 14.47
N ASN D 112 23.47 11.89 14.00
CA ASN D 112 23.14 11.78 12.59
C ASN D 112 21.75 12.29 12.23
N SER D 113 20.72 11.53 12.61
CA SER D 113 19.35 11.90 12.32
C SER D 113 18.84 12.88 13.38
N LEU D 114 18.52 14.10 12.95
CA LEU D 114 18.01 15.10 13.87
C LEU D 114 16.76 14.54 14.51
N LEU D 115 16.06 13.68 13.76
CA LEU D 115 14.84 13.04 14.23
C LEU D 115 15.16 12.14 15.43
N ALA D 116 16.01 11.14 15.19
CA ALA D 116 16.40 10.21 16.23
C ALA D 116 17.02 10.93 17.43
N ALA D 117 17.91 11.88 17.14
CA ALA D 117 18.59 12.63 18.18
C ALA D 117 17.78 13.74 18.84
N ILE D 118 16.66 14.12 18.24
CA ILE D 118 15.83 15.17 18.82
C ILE D 118 14.72 14.55 19.66
N SER D 119 14.69 13.21 19.69
CA SER D 119 13.70 12.49 20.46
C SER D 119 14.36 11.98 21.73
N ARG D 120 15.68 11.85 21.67
CA ARG D 120 16.47 11.37 22.80
C ARG D 120 16.29 12.25 24.03
N PHE D 121 16.24 13.55 23.83
CA PHE D 121 16.09 14.50 24.93
C PHE D 121 14.68 15.03 25.07
N SER D 122 13.91 14.98 23.97
CA SER D 122 12.54 15.47 23.98
C SER D 122 11.57 14.42 24.50
N LEU D 123 10.28 14.71 24.39
CA LEU D 123 9.22 13.82 24.85
C LEU D 123 9.47 12.34 24.58
N GLN D 124 9.06 11.50 25.52
CA GLN D 124 9.19 10.04 25.42
C GLN D 124 7.78 9.48 25.58
N THR D 125 7.50 8.37 24.90
CA THR D 125 6.17 7.76 24.97
C THR D 125 6.17 6.43 25.71
N SER D 126 4.97 5.95 26.04
CA SER D 126 4.83 4.69 26.76
C SER D 126 4.87 3.49 25.82
N ALA D 127 4.95 3.75 24.52
CA ALA D 127 4.99 2.67 23.54
C ALA D 127 6.26 1.84 23.72
N ARG D 128 6.08 0.53 23.89
CA ARG D 128 7.21 -0.38 24.08
C ARG D 128 7.91 -0.72 22.76
N ASN D 129 7.25 -0.41 21.65
CA ASN D 129 7.80 -0.68 20.33
C ASN D 129 7.95 0.60 19.53
N GLN D 130 9.19 1.07 19.38
CA GLN D 130 9.45 2.29 18.61
C GLN D 130 10.51 2.01 17.55
N TRP D 131 10.16 2.24 16.29
CA TRP D 131 11.08 1.99 15.18
C TRP D 131 11.20 3.15 14.20
N PHE D 132 12.39 3.29 13.62
CA PHE D 132 12.64 4.34 12.63
C PHE D 132 12.59 3.72 11.24
N GLY D 133 11.95 4.40 10.31
CA GLY D 133 11.85 3.91 8.95
C GLY D 133 11.91 5.05 7.97
N THR D 134 11.29 4.87 6.81
CA THR D 134 11.25 5.90 5.77
C THR D 134 10.01 5.67 4.92
N ILE D 135 9.27 6.73 4.64
CA ILE D 135 8.05 6.65 3.84
C ILE D 135 8.41 6.26 2.41
N THR D 136 7.91 5.12 1.94
CA THR D 136 8.20 4.67 0.59
C THR D 136 7.03 4.88 -0.36
N ALA D 137 5.88 5.30 0.19
CA ALA D 137 4.68 5.54 -0.61
C ALA D 137 3.54 6.08 0.24
N ARG D 138 2.53 6.63 -0.43
CA ARG D 138 1.37 7.19 0.24
C ARG D 138 0.30 7.52 -0.79
N ASP D 139 -0.97 7.32 -0.45
CA ASP D 139 -2.04 7.65 -1.38
C ASP D 139 -2.52 9.05 -1.03
N HIS D 140 -3.73 9.41 -1.46
CA HIS D 140 -4.23 10.75 -1.15
C HIS D 140 -5.74 10.77 -0.95
N ASP D 141 -6.27 9.70 -0.38
CA ASP D 141 -7.70 9.63 -0.13
C ASP D 141 -8.07 10.85 0.69
N ASP D 142 -9.33 11.25 0.59
CA ASP D 142 -9.83 12.45 1.26
C ASP D 142 -10.08 12.36 2.77
N VAL D 143 -10.24 11.14 3.29
CA VAL D 143 -10.50 10.98 4.71
C VAL D 143 -9.35 10.27 5.44
N GLN D 144 -9.09 9.01 5.08
CA GLN D 144 -7.99 8.27 5.71
C GLN D 144 -7.01 7.80 4.64
N GLN D 145 -5.73 8.05 4.88
CA GLN D 145 -4.70 7.66 3.93
C GLN D 145 -3.75 6.58 4.47
N HIS D 146 -3.10 5.88 3.56
CA HIS D 146 -2.17 4.83 3.93
C HIS D 146 -0.80 5.08 3.32
N VAL D 147 0.23 4.89 4.13
CA VAL D 147 1.60 5.07 3.69
C VAL D 147 2.38 3.80 3.99
N ASP D 148 3.40 3.52 3.20
CA ASP D 148 4.20 2.35 3.44
C ASP D 148 5.52 2.80 4.04
N VAL D 149 5.98 2.08 5.05
CA VAL D 149 7.21 2.43 5.74
C VAL D 149 8.27 1.35 5.66
N LEU D 150 9.48 1.75 5.29
CA LEU D 150 10.58 0.82 5.20
C LEU D 150 11.48 1.10 6.39
N LEU D 151 11.45 0.22 7.39
CA LEU D 151 12.24 0.39 8.59
C LEU D 151 13.72 0.60 8.31
N ALA D 152 14.41 1.14 9.30
CA ALA D 152 15.84 1.41 9.19
C ALA D 152 16.64 0.15 8.89
N ASP D 153 15.98 -1.01 8.94
CA ASP D 153 16.65 -2.27 8.66
C ASP D 153 16.61 -2.57 7.17
N GLY D 154 16.02 -1.64 6.42
CA GLY D 154 15.92 -1.77 4.97
C GLY D 154 15.37 -3.08 4.45
N LYS D 155 14.76 -3.88 5.31
CA LYS D 155 14.22 -5.15 4.88
C LYS D 155 12.74 -5.26 5.25
N THR D 156 12.38 -4.68 6.39
CA THR D 156 11.01 -4.72 6.85
C THR D 156 10.22 -3.49 6.45
N ARG D 157 9.03 -3.72 5.93
CA ARG D 157 8.15 -2.64 5.49
C ARG D 157 6.84 -2.71 6.24
N LEU D 158 6.23 -1.56 6.46
CA LEU D 158 4.98 -1.51 7.19
C LEU D 158 3.92 -0.69 6.49
N LYS D 159 2.67 -1.03 6.75
CA LYS D 159 1.55 -0.32 6.19
C LYS D 159 0.91 0.38 7.36
N VAL D 160 0.85 1.71 7.30
CA VAL D 160 0.29 2.52 8.37
C VAL D 160 -0.81 3.42 7.82
N ALA D 161 -1.81 3.71 8.65
CA ALA D 161 -2.92 4.55 8.25
C ALA D 161 -3.05 5.78 9.14
N ILE D 162 -3.26 6.93 8.51
CA ILE D 162 -3.41 8.21 9.22
C ILE D 162 -4.51 9.04 8.56
N THR D 163 -4.98 10.06 9.26
CA THR D 163 -5.99 10.93 8.69
C THR D 163 -5.27 11.73 7.61
N ALA D 164 -6.02 12.28 6.67
CA ALA D 164 -5.42 13.08 5.61
C ALA D 164 -4.83 14.35 6.19
N GLN D 165 -5.58 15.01 7.06
CA GLN D 165 -5.11 16.23 7.69
C GLN D 165 -3.76 15.99 8.36
N SER D 166 -3.62 14.81 8.97
CA SER D 166 -2.37 14.45 9.64
C SER D 166 -1.27 14.17 8.63
N GLY D 167 -1.60 13.39 7.60
CA GLY D 167 -0.62 13.07 6.58
C GLY D 167 -0.08 14.31 5.92
N ALA D 168 -0.96 15.30 5.72
CA ALA D 168 -0.57 16.55 5.09
C ALA D 168 0.33 17.41 5.96
N ARG D 169 0.01 17.52 7.25
CA ARG D 169 0.82 18.36 8.14
C ARG D 169 2.18 17.78 8.52
N LEU D 170 2.28 16.47 8.67
CA LEU D 170 3.55 15.86 9.02
C LEU D 170 4.44 15.72 7.79
N GLY D 171 3.89 16.09 6.64
CA GLY D 171 4.62 16.00 5.39
C GLY D 171 5.07 14.58 5.13
N LEU D 172 4.16 13.63 5.33
CA LEU D 172 4.46 12.22 5.13
C LEU D 172 4.68 11.87 3.66
N ASP D 173 5.54 12.66 3.01
CA ASP D 173 5.88 12.46 1.62
C ASP D 173 6.96 11.41 1.46
N GLU D 174 7.08 10.91 0.24
CA GLU D 174 8.05 9.89 -0.12
C GLU D 174 9.46 10.21 0.38
N GLY D 175 9.96 9.38 1.28
CA GLY D 175 11.30 9.57 1.82
C GLY D 175 11.35 10.27 3.17
N LYS D 176 10.19 10.63 3.70
CA LYS D 176 10.15 11.31 5.00
C LYS D 176 10.48 10.31 6.11
N GLU D 177 11.58 10.56 6.80
CA GLU D 177 12.02 9.69 7.90
C GLU D 177 11.02 9.80 9.04
N VAL D 178 10.60 8.64 9.56
CA VAL D 178 9.62 8.61 10.64
C VAL D 178 10.01 7.73 11.82
N LEU D 179 9.12 7.67 12.80
CA LEU D 179 9.30 6.86 13.99
C LEU D 179 7.97 6.17 14.27
N ILE D 180 7.97 4.84 14.20
CA ILE D 180 6.78 4.05 14.43
C ILE D 180 6.55 3.80 15.91
N LEU D 181 5.40 4.24 16.39
CA LEU D 181 5.03 4.07 17.80
C LEU D 181 3.92 3.05 17.91
N LEU D 182 4.28 1.84 18.32
CA LEU D 182 3.32 0.75 18.46
C LEU D 182 3.14 0.36 19.93
N LYS D 183 1.96 0.62 20.46
CA LYS D 183 1.66 0.28 21.85
C LYS D 183 1.56 -1.24 21.92
N ALA D 184 2.21 -1.82 22.91
CA ALA D 184 2.22 -3.28 23.09
C ALA D 184 0.85 -3.95 22.91
N PRO D 185 -0.22 -3.35 23.45
CA PRO D 185 -1.57 -3.92 23.33
C PRO D 185 -2.11 -4.09 21.92
N TRP D 186 -1.50 -3.40 20.95
CA TRP D 186 -1.98 -3.50 19.57
C TRP D 186 -1.29 -4.62 18.82
N VAL D 187 -0.36 -5.28 19.50
CA VAL D 187 0.38 -6.38 18.90
C VAL D 187 -0.16 -7.73 19.35
N GLY D 188 -0.40 -8.60 18.39
CA GLY D 188 -0.90 -9.92 18.70
C GLY D 188 0.19 -10.94 18.42
N ILE D 189 0.13 -12.09 19.08
CA ILE D 189 1.12 -13.13 18.87
C ILE D 189 0.38 -14.41 18.47
N THR D 190 0.87 -15.08 17.44
CA THR D 190 0.22 -16.29 16.96
C THR D 190 1.16 -17.27 16.27
N GLN D 191 0.84 -18.55 16.39
CA GLN D 191 1.62 -19.61 15.77
C GLN D 191 0.88 -20.03 14.49
N ASP D 192 -0.38 -19.61 14.40
CA ASP D 192 -1.21 -19.92 13.24
C ASP D 192 -1.20 -18.75 12.27
N GLU D 193 -0.13 -18.67 11.47
CA GLU D 193 0.04 -17.59 10.50
C GLU D 193 -1.25 -17.15 9.80
N ALA D 194 -2.21 -18.06 9.64
CA ALA D 194 -3.45 -17.68 9.00
C ALA D 194 -3.95 -16.44 9.71
N VAL D 195 -3.88 -16.49 11.03
CA VAL D 195 -4.30 -15.40 11.89
C VAL D 195 -3.45 -14.17 11.59
N ALA D 196 -2.14 -14.37 11.61
CA ALA D 196 -1.19 -13.31 11.35
C ALA D 196 -1.35 -12.69 9.97
N GLN D 197 -1.71 -13.52 8.98
CA GLN D 197 -1.87 -13.06 7.61
C GLN D 197 -3.12 -12.23 7.35
N ASN D 198 -4.03 -12.18 8.31
CA ASN D 198 -5.25 -11.39 8.12
C ASN D 198 -5.04 -9.95 8.53
N ALA D 199 -3.91 -9.67 9.18
CA ALA D 199 -3.58 -8.33 9.61
C ALA D 199 -2.77 -7.61 8.54
N ASP D 200 -2.51 -6.33 8.73
CA ASP D 200 -1.75 -5.54 7.77
C ASP D 200 -0.25 -5.75 7.85
N ASN D 201 0.25 -5.97 9.07
CA ASN D 201 1.68 -6.16 9.27
C ASN D 201 1.99 -7.40 10.09
N GLN D 202 3.00 -8.14 9.67
CA GLN D 202 3.42 -9.35 10.37
C GLN D 202 4.92 -9.27 10.62
N LEU D 203 5.34 -9.71 11.79
CA LEU D 203 6.76 -9.70 12.13
C LEU D 203 7.11 -11.05 12.73
N PRO D 204 7.64 -11.97 11.89
CA PRO D 204 8.02 -13.30 12.37
C PRO D 204 9.02 -13.22 13.52
N GLY D 205 9.00 -14.23 14.38
CA GLY D 205 9.91 -14.25 15.50
C GLY D 205 9.67 -15.40 16.45
N ILE D 206 10.44 -15.43 17.54
CA ILE D 206 10.32 -16.47 18.55
C ILE D 206 10.13 -15.83 19.92
N ILE D 207 9.29 -16.44 20.74
CA ILE D 207 9.03 -15.93 22.07
C ILE D 207 10.28 -16.10 22.94
N SER D 208 10.91 -14.99 23.28
CA SER D 208 12.12 -15.03 24.10
C SER D 208 11.81 -14.97 25.59
N HIS D 209 10.56 -14.63 25.92
CA HIS D 209 10.15 -14.54 27.32
C HIS D 209 8.64 -14.35 27.41
N ILE D 210 8.05 -14.88 28.48
CA ILE D 210 6.62 -14.76 28.72
C ILE D 210 6.36 -14.69 30.21
N GLU D 211 5.82 -13.58 30.66
CA GLU D 211 5.50 -13.43 32.07
C GLU D 211 4.01 -13.17 32.20
N ARG D 212 3.31 -14.18 32.69
CA ARG D 212 1.86 -14.10 32.85
C ARG D 212 1.46 -13.54 34.22
N GLY D 213 0.29 -12.91 34.25
CA GLY D 213 -0.21 -12.34 35.48
C GLY D 213 -1.67 -12.72 35.66
N ALA D 214 -2.45 -11.82 36.24
CA ALA D 214 -3.86 -12.08 36.47
C ALA D 214 -4.58 -12.33 35.13
N GLU D 215 -4.77 -11.25 34.36
CA GLU D 215 -5.45 -11.36 33.07
C GLU D 215 -4.56 -10.90 31.92
N GLN D 216 -3.45 -10.25 32.23
CA GLN D 216 -2.54 -9.76 31.20
C GLN D 216 -1.20 -10.49 31.20
N CYS D 217 -0.60 -10.62 30.02
CA CYS D 217 0.69 -11.28 29.89
C CYS D 217 1.58 -10.47 28.96
N GLU D 218 2.82 -10.21 29.36
CA GLU D 218 3.74 -9.45 28.51
C GLU D 218 4.70 -10.37 27.77
N VAL D 219 4.35 -10.68 26.52
CA VAL D 219 5.15 -11.57 25.69
C VAL D 219 6.21 -10.80 24.92
N LEU D 220 7.48 -11.04 25.25
CA LEU D 220 8.59 -10.38 24.57
C LEU D 220 9.11 -11.34 23.49
N MET D 221 9.04 -10.91 22.24
CA MET D 221 9.48 -11.73 21.12
C MET D 221 10.81 -11.24 20.54
N ALA D 222 11.76 -12.16 20.40
CA ALA D 222 13.06 -11.83 19.85
C ALA D 222 12.93 -11.79 18.33
N LEU D 223 13.29 -10.64 17.75
CA LEU D 223 13.20 -10.48 16.31
C LEU D 223 14.50 -10.98 15.68
N PRO D 224 14.39 -11.74 14.56
CA PRO D 224 15.57 -12.28 13.87
C PRO D 224 16.62 -11.20 13.57
N ASP D 225 16.28 -9.97 13.92
CA ASP D 225 17.16 -8.82 13.76
C ASP D 225 18.02 -8.80 15.01
N GLY D 226 17.36 -9.01 16.14
CA GLY D 226 18.03 -9.02 17.42
C GLY D 226 17.19 -8.22 18.39
N GLN D 227 16.74 -7.04 17.95
CA GLN D 227 15.91 -6.18 18.76
C GLN D 227 14.67 -6.93 19.23
N THR D 228 14.13 -6.52 20.37
CA THR D 228 12.95 -7.18 20.93
C THR D 228 11.66 -6.39 20.82
N LEU D 229 10.59 -7.11 20.53
CA LEU D 229 9.26 -6.54 20.40
C LEU D 229 8.51 -6.90 21.68
N CYS D 230 7.53 -6.09 22.05
CA CYS D 230 6.75 -6.33 23.26
C CYS D 230 5.26 -6.27 22.94
N ALA D 231 4.51 -7.21 23.50
CA ALA D 231 3.07 -7.26 23.27
C ALA D 231 2.33 -7.73 24.52
N THR D 232 1.28 -7.01 24.88
CA THR D 232 0.48 -7.35 26.05
C THR D 232 -0.75 -8.14 25.61
N VAL D 233 -0.68 -9.46 25.79
CA VAL D 233 -1.78 -10.34 25.40
C VAL D 233 -2.57 -10.83 26.61
N PRO D 234 -3.91 -10.84 26.50
CA PRO D 234 -4.75 -11.31 27.61
C PRO D 234 -4.43 -12.78 27.87
N VAL D 235 -5.10 -13.40 28.83
CA VAL D 235 -4.83 -14.80 29.13
C VAL D 235 -5.55 -15.76 28.20
N ASN D 236 -6.74 -15.41 27.71
CA ASN D 236 -7.48 -16.29 26.81
C ASN D 236 -6.88 -16.30 25.40
N GLU D 237 -5.62 -15.91 25.31
CA GLU D 237 -4.89 -15.86 24.05
C GLU D 237 -3.45 -16.30 24.29
N ALA D 238 -2.87 -15.80 25.37
CA ALA D 238 -1.50 -16.11 25.72
C ALA D 238 -1.39 -17.30 26.66
N THR D 239 -2.27 -18.29 26.49
CA THR D 239 -2.23 -19.46 27.35
C THR D 239 -1.37 -20.56 26.74
N SER D 240 -1.57 -20.80 25.45
CA SER D 240 -0.82 -21.82 24.73
C SER D 240 0.57 -21.33 24.34
N LEU D 241 0.77 -20.02 24.39
CA LEU D 241 2.05 -19.43 24.06
C LEU D 241 3.13 -19.90 25.03
N GLN D 242 4.24 -20.40 24.49
CA GLN D 242 5.35 -20.90 25.30
C GLN D 242 6.67 -20.33 24.81
N GLN D 243 7.51 -19.87 25.72
CA GLN D 243 8.80 -19.30 25.37
C GLN D 243 9.56 -20.20 24.40
N GLY D 244 10.23 -19.58 23.43
CA GLY D 244 11.01 -20.33 22.45
C GLY D 244 10.26 -20.66 21.18
N GLN D 245 8.93 -20.61 21.24
CA GLN D 245 8.06 -20.90 20.11
C GLN D 245 8.26 -19.94 18.94
N ASN D 246 8.10 -20.45 17.72
CA ASN D 246 8.21 -19.60 16.55
C ASN D 246 6.82 -19.02 16.37
N VAL D 247 6.71 -17.71 16.49
CA VAL D 247 5.44 -17.02 16.34
C VAL D 247 5.53 -15.90 15.31
N THR D 248 4.46 -15.12 15.22
CA THR D 248 4.41 -14.01 14.29
C THR D 248 3.57 -12.90 14.89
N ALA D 249 4.20 -11.76 15.12
CA ALA D 249 3.50 -10.61 15.67
C ALA D 249 2.72 -10.00 14.52
N TYR D 250 1.52 -9.51 14.81
CA TYR D 250 0.69 -8.90 13.79
C TYR D 250 -0.08 -7.73 14.34
N PHE D 251 -0.33 -6.74 13.49
CA PHE D 251 -1.07 -5.55 13.88
C PHE D 251 -1.56 -4.84 12.63
N ASN D 252 -2.67 -4.13 12.77
CA ASN D 252 -3.27 -3.39 11.66
C ASN D 252 -2.71 -1.99 11.49
N ALA D 253 -2.70 -1.53 10.25
CA ALA D 253 -2.19 -0.21 9.91
C ALA D 253 -2.80 0.92 10.72
N ASP D 254 -4.06 0.78 11.12
CA ASP D 254 -4.73 1.82 11.89
C ASP D 254 -4.39 1.79 13.38
N SER D 255 -3.51 0.87 13.76
CA SER D 255 -3.11 0.74 15.15
C SER D 255 -1.65 1.13 15.32
N VAL D 256 -1.26 2.24 14.70
CA VAL D 256 0.11 2.73 14.77
C VAL D 256 0.17 4.25 14.68
N ILE D 257 1.12 4.85 15.39
CA ILE D 257 1.29 6.30 15.39
C ILE D 257 2.62 6.66 14.71
N ILE D 258 2.62 7.77 13.99
CA ILE D 258 3.81 8.24 13.30
C ILE D 258 4.39 9.46 13.98
N ALA D 259 5.70 9.65 13.88
CA ALA D 259 6.37 10.78 14.49
C ALA D 259 7.49 11.34 13.62
N THR D 260 7.33 12.58 13.19
CA THR D 260 8.33 13.25 12.37
C THR D 260 8.59 14.65 12.90
N LEU D 261 9.75 15.20 12.54
CA LEU D 261 10.13 16.53 13.00
C LEU D 261 9.33 17.65 12.35
N CYS D 262 8.75 17.37 11.19
CA CYS D 262 7.95 18.32 10.41
C CYS D 262 7.80 19.70 11.04
#